data_1HNR
# 
_entry.id   1HNR 
# 
_audit_conform.dict_name       mmcif_pdbx.dic 
_audit_conform.dict_version    5.392 
_audit_conform.dict_location   http://mmcif.pdb.org/dictionaries/ascii/mmcif_pdbx.dic 
# 
loop_
_database_2.database_id 
_database_2.database_code 
_database_2.pdbx_database_accession 
_database_2.pdbx_DOI 
PDB   1HNR         pdb_00001hnr 10.2210/pdb1hnr/pdb 
WWPDB D_1000173936 ?            ?                   
# 
loop_
_pdbx_audit_revision_history.ordinal 
_pdbx_audit_revision_history.data_content_type 
_pdbx_audit_revision_history.major_revision 
_pdbx_audit_revision_history.minor_revision 
_pdbx_audit_revision_history.revision_date 
1 'Structure model' 1 0 1995-07-10 
2 'Structure model' 1 1 2008-03-24 
3 'Structure model' 1 2 2011-07-13 
4 'Structure model' 1 3 2022-02-23 
5 'Structure model' 1 4 2024-05-22 
# 
_pdbx_audit_revision_details.ordinal             1 
_pdbx_audit_revision_details.revision_ordinal    1 
_pdbx_audit_revision_details.data_content_type   'Structure model' 
_pdbx_audit_revision_details.provider            repository 
_pdbx_audit_revision_details.type                'Initial release' 
_pdbx_audit_revision_details.description         ? 
_pdbx_audit_revision_details.details             ? 
# 
loop_
_pdbx_audit_revision_group.ordinal 
_pdbx_audit_revision_group.revision_ordinal 
_pdbx_audit_revision_group.data_content_type 
_pdbx_audit_revision_group.group 
1 2 'Structure model' 'Version format compliance' 
2 3 'Structure model' 'Version format compliance' 
3 4 'Structure model' 'Database references'       
4 4 'Structure model' 'Derived calculations'      
5 4 'Structure model' Other                       
6 4 'Structure model' 'Structure summary'         
7 5 'Structure model' 'Data collection'           
# 
loop_
_pdbx_audit_revision_category.ordinal 
_pdbx_audit_revision_category.revision_ordinal 
_pdbx_audit_revision_category.data_content_type 
_pdbx_audit_revision_category.category 
1 4 'Structure model' database_2            
2 4 'Structure model' pdbx_database_status  
3 4 'Structure model' pdbx_struct_assembly  
4 4 'Structure model' pdbx_struct_oper_list 
5 4 'Structure model' struct_keywords       
6 5 'Structure model' chem_comp_atom        
7 5 'Structure model' chem_comp_bond        
# 
loop_
_pdbx_audit_revision_item.ordinal 
_pdbx_audit_revision_item.revision_ordinal 
_pdbx_audit_revision_item.data_content_type 
_pdbx_audit_revision_item.item 
1 4 'Structure model' '_database_2.pdbx_DOI'                
2 4 'Structure model' '_database_2.pdbx_database_accession' 
3 4 'Structure model' '_pdbx_database_status.process_site'  
4 4 'Structure model' '_struct_keywords.text'               
# 
_pdbx_database_status.status_code                     REL 
_pdbx_database_status.entry_id                        1HNR 
_pdbx_database_status.recvd_initial_deposition_date   1995-04-06 
_pdbx_database_status.deposit_site                    ? 
_pdbx_database_status.process_site                    BNL 
_pdbx_database_status.SG_entry                        . 
_pdbx_database_status.pdb_format_compatible           Y 
_pdbx_database_status.status_code_mr                  ? 
_pdbx_database_status.status_code_sf                  ? 
_pdbx_database_status.status_code_cs                  ? 
_pdbx_database_status.status_code_nmr_data            ? 
_pdbx_database_status.methods_development_category    ? 
# 
_pdbx_database_related.db_name        PDB 
_pdbx_database_related.db_id          1HNS 
_pdbx_database_related.details        . 
_pdbx_database_related.content_type   ensemble 
# 
loop_
_audit_author.name 
_audit_author.pdbx_ordinal 
'Shindo, H.'     1 
'Iwaki, T.'      2 
'Ieda, R.'       3 
'Kurumizaka, H.' 4 
'Ueguchi, C.'    5 
'Mizuno, T.'     6 
'Morikawa, S.'   7 
'Nakamura, H.'   8 
'Kuboniwa, H.'   9 
# 
_citation.id                        primary 
_citation.title                     
'Solution structure of the DNA binding domain of a nucleoid-associated protein, H-NS, from Escherichia coli.' 
_citation.journal_abbrev            'FEBS Lett.' 
_citation.journal_volume            360 
_citation.page_first                125 
_citation.page_last                 131 
_citation.year                      1995 
_citation.journal_id_ASTM           FEBLAL 
_citation.country                   NE 
_citation.journal_id_ISSN           0014-5793 
_citation.journal_id_CSD            0165 
_citation.book_publisher            ? 
_citation.pdbx_database_id_PubMed   7875316 
_citation.pdbx_database_id_DOI      '10.1016/0014-5793(95)00079-O' 
# 
loop_
_citation_author.citation_id 
_citation_author.name 
_citation_author.ordinal 
_citation_author.identifier_ORCID 
primary 'Shindo, H.'     1 ? 
primary 'Iwaki, T.'      2 ? 
primary 'Ieda, R.'       3 ? 
primary 'Kurumizaka, H.' 4 ? 
primary 'Ueguchi, C.'    5 ? 
primary 'Mizuno, T.'     6 ? 
primary 'Morikawa, S.'   7 ? 
primary 'Nakamura, H.'   8 ? 
primary 'Kuboniwa, H.'   9 ? 
# 
_entity.id                         1 
_entity.type                       polymer 
_entity.src_method                 man 
_entity.pdbx_description           H-NS 
_entity.formula_weight             5308.929 
_entity.pdbx_number_of_molecules   1 
_entity.pdbx_ec                    ? 
_entity.pdbx_mutation              ? 
_entity.pdbx_fragment              ? 
_entity.details                    ? 
# 
_entity_poly.entity_id                      1 
_entity_poly.type                           'polypeptide(L)' 
_entity_poly.nstd_linkage                   no 
_entity_poly.nstd_monomer                   no 
_entity_poly.pdbx_seq_one_letter_code       AQRPAKYSYVDENGETKTWTGQGRTPAVIKKAMDEQGKSLDDFLIKQ 
_entity_poly.pdbx_seq_one_letter_code_can   AQRPAKYSYVDENGETKTWTGQGRTPAVIKKAMDEQGKSLDDFLIKQ 
_entity_poly.pdbx_strand_id                 A 
_entity_poly.pdbx_target_identifier         ? 
# 
loop_
_entity_poly_seq.entity_id 
_entity_poly_seq.num 
_entity_poly_seq.mon_id 
_entity_poly_seq.hetero 
1 1  ALA n 
1 2  GLN n 
1 3  ARG n 
1 4  PRO n 
1 5  ALA n 
1 6  LYS n 
1 7  TYR n 
1 8  SER n 
1 9  TYR n 
1 10 VAL n 
1 11 ASP n 
1 12 GLU n 
1 13 ASN n 
1 14 GLY n 
1 15 GLU n 
1 16 THR n 
1 17 LYS n 
1 18 THR n 
1 19 TRP n 
1 20 THR n 
1 21 GLY n 
1 22 GLN n 
1 23 GLY n 
1 24 ARG n 
1 25 THR n 
1 26 PRO n 
1 27 ALA n 
1 28 VAL n 
1 29 ILE n 
1 30 LYS n 
1 31 LYS n 
1 32 ALA n 
1 33 MET n 
1 34 ASP n 
1 35 GLU n 
1 36 GLN n 
1 37 GLY n 
1 38 LYS n 
1 39 SER n 
1 40 LEU n 
1 41 ASP n 
1 42 ASP n 
1 43 PHE n 
1 44 LEU n 
1 45 ILE n 
1 46 LYS n 
1 47 GLN n 
# 
_entity_src_gen.entity_id                          1 
_entity_src_gen.pdbx_src_id                        1 
_entity_src_gen.pdbx_alt_source_flag               sample 
_entity_src_gen.pdbx_seq_type                      ? 
_entity_src_gen.pdbx_beg_seq_num                   ? 
_entity_src_gen.pdbx_end_seq_num                   ? 
_entity_src_gen.gene_src_common_name               ? 
_entity_src_gen.gene_src_genus                     Escherichia 
_entity_src_gen.pdbx_gene_src_gene                 ? 
_entity_src_gen.gene_src_species                   ? 
_entity_src_gen.gene_src_strain                    ? 
_entity_src_gen.gene_src_tissue                    ? 
_entity_src_gen.gene_src_tissue_fraction           ? 
_entity_src_gen.gene_src_details                   ? 
_entity_src_gen.pdbx_gene_src_fragment             ? 
_entity_src_gen.pdbx_gene_src_scientific_name      'Escherichia coli' 
_entity_src_gen.pdbx_gene_src_ncbi_taxonomy_id     562 
_entity_src_gen.pdbx_gene_src_variant              ? 
_entity_src_gen.pdbx_gene_src_cell_line            ? 
_entity_src_gen.pdbx_gene_src_atcc                 ? 
_entity_src_gen.pdbx_gene_src_organ                ? 
_entity_src_gen.pdbx_gene_src_organelle            ? 
_entity_src_gen.pdbx_gene_src_cell                 ? 
_entity_src_gen.pdbx_gene_src_cellular_location    ? 
_entity_src_gen.host_org_common_name               ? 
_entity_src_gen.pdbx_host_org_scientific_name      ? 
_entity_src_gen.pdbx_host_org_ncbi_taxonomy_id     ? 
_entity_src_gen.host_org_genus                     ? 
_entity_src_gen.pdbx_host_org_gene                 ? 
_entity_src_gen.pdbx_host_org_organ                ? 
_entity_src_gen.host_org_species                   ? 
_entity_src_gen.pdbx_host_org_tissue               ? 
_entity_src_gen.pdbx_host_org_tissue_fraction      ? 
_entity_src_gen.pdbx_host_org_strain               ? 
_entity_src_gen.pdbx_host_org_variant              ? 
_entity_src_gen.pdbx_host_org_cell_line            ? 
_entity_src_gen.pdbx_host_org_atcc                 ? 
_entity_src_gen.pdbx_host_org_culture_collection   ? 
_entity_src_gen.pdbx_host_org_cell                 ? 
_entity_src_gen.pdbx_host_org_organelle            ? 
_entity_src_gen.pdbx_host_org_cellular_location    ? 
_entity_src_gen.pdbx_host_org_vector_type          ? 
_entity_src_gen.pdbx_host_org_vector               ? 
_entity_src_gen.host_org_details                   ? 
_entity_src_gen.expression_system_id               ? 
_entity_src_gen.plasmid_name                       ? 
_entity_src_gen.plasmid_details                    ? 
_entity_src_gen.pdbx_description                   ? 
# 
loop_
_chem_comp.id 
_chem_comp.type 
_chem_comp.mon_nstd_flag 
_chem_comp.name 
_chem_comp.pdbx_synonyms 
_chem_comp.formula 
_chem_comp.formula_weight 
ALA 'L-peptide linking' y ALANINE         ? 'C3 H7 N O2'     89.093  
ARG 'L-peptide linking' y ARGININE        ? 'C6 H15 N4 O2 1' 175.209 
ASN 'L-peptide linking' y ASPARAGINE      ? 'C4 H8 N2 O3'    132.118 
ASP 'L-peptide linking' y 'ASPARTIC ACID' ? 'C4 H7 N O4'     133.103 
GLN 'L-peptide linking' y GLUTAMINE       ? 'C5 H10 N2 O3'   146.144 
GLU 'L-peptide linking' y 'GLUTAMIC ACID' ? 'C5 H9 N O4'     147.129 
GLY 'peptide linking'   y GLYCINE         ? 'C2 H5 N O2'     75.067  
ILE 'L-peptide linking' y ISOLEUCINE      ? 'C6 H13 N O2'    131.173 
LEU 'L-peptide linking' y LEUCINE         ? 'C6 H13 N O2'    131.173 
LYS 'L-peptide linking' y LYSINE          ? 'C6 H15 N2 O2 1' 147.195 
MET 'L-peptide linking' y METHIONINE      ? 'C5 H11 N O2 S'  149.211 
PHE 'L-peptide linking' y PHENYLALANINE   ? 'C9 H11 N O2'    165.189 
PRO 'L-peptide linking' y PROLINE         ? 'C5 H9 N O2'     115.130 
SER 'L-peptide linking' y SERINE          ? 'C3 H7 N O3'     105.093 
THR 'L-peptide linking' y THREONINE       ? 'C4 H9 N O3'     119.119 
TRP 'L-peptide linking' y TRYPTOPHAN      ? 'C11 H12 N2 O2'  204.225 
TYR 'L-peptide linking' y TYROSINE        ? 'C9 H11 N O3'    181.189 
VAL 'L-peptide linking' y VALINE          ? 'C5 H11 N O2'    117.146 
# 
loop_
_pdbx_poly_seq_scheme.asym_id 
_pdbx_poly_seq_scheme.entity_id 
_pdbx_poly_seq_scheme.seq_id 
_pdbx_poly_seq_scheme.mon_id 
_pdbx_poly_seq_scheme.ndb_seq_num 
_pdbx_poly_seq_scheme.pdb_seq_num 
_pdbx_poly_seq_scheme.auth_seq_num 
_pdbx_poly_seq_scheme.pdb_mon_id 
_pdbx_poly_seq_scheme.auth_mon_id 
_pdbx_poly_seq_scheme.pdb_strand_id 
_pdbx_poly_seq_scheme.pdb_ins_code 
_pdbx_poly_seq_scheme.hetero 
A 1 1  ALA 1  90  90  ALA ALA A . n 
A 1 2  GLN 2  91  91  GLN GLN A . n 
A 1 3  ARG 3  92  92  ARG ARG A . n 
A 1 4  PRO 4  93  93  PRO PRO A . n 
A 1 5  ALA 5  94  94  ALA ALA A . n 
A 1 6  LYS 6  95  95  LYS LYS A . n 
A 1 7  TYR 7  96  96  TYR TYR A . n 
A 1 8  SER 8  97  97  SER SER A . n 
A 1 9  TYR 9  98  98  TYR TYR A . n 
A 1 10 VAL 10 99  99  VAL VAL A . n 
A 1 11 ASP 11 100 100 ASP ASP A . n 
A 1 12 GLU 12 101 101 GLU GLU A . n 
A 1 13 ASN 13 102 102 ASN ASN A . n 
A 1 14 GLY 14 103 103 GLY GLY A . n 
A 1 15 GLU 15 104 104 GLU GLU A . n 
A 1 16 THR 16 105 105 THR THR A . n 
A 1 17 LYS 17 106 106 LYS LYS A . n 
A 1 18 THR 18 107 107 THR THR A . n 
A 1 19 TRP 19 108 108 TRP TRP A . n 
A 1 20 THR 20 109 109 THR THR A . n 
A 1 21 GLY 21 110 110 GLY GLY A . n 
A 1 22 GLN 22 111 111 GLN GLN A . n 
A 1 23 GLY 23 112 112 GLY GLY A . n 
A 1 24 ARG 24 113 113 ARG ARG A . n 
A 1 25 THR 25 114 114 THR THR A . n 
A 1 26 PRO 26 115 115 PRO PRO A . n 
A 1 27 ALA 27 116 116 ALA ALA A . n 
A 1 28 VAL 28 117 117 VAL VAL A . n 
A 1 29 ILE 29 118 118 ILE ILE A . n 
A 1 30 LYS 30 119 119 LYS LYS A . n 
A 1 31 LYS 31 120 120 LYS LYS A . n 
A 1 32 ALA 32 121 121 ALA ALA A . n 
A 1 33 MET 33 122 122 MET MET A . n 
A 1 34 ASP 34 123 123 ASP ASP A . n 
A 1 35 GLU 35 124 124 GLU GLU A . n 
A 1 36 GLN 36 125 125 GLN GLN A . n 
A 1 37 GLY 37 126 126 GLY GLY A . n 
A 1 38 LYS 38 127 127 LYS LYS A . n 
A 1 39 SER 39 128 128 SER SER A . n 
A 1 40 LEU 40 129 129 LEU LEU A . n 
A 1 41 ASP 41 130 130 ASP ASP A . n 
A 1 42 ASP 42 131 131 ASP ASP A . n 
A 1 43 PHE 43 132 132 PHE PHE A . n 
A 1 44 LEU 44 133 133 LEU LEU A . n 
A 1 45 ILE 45 134 134 ILE ILE A . n 
A 1 46 LYS 46 135 135 LYS LYS A . n 
A 1 47 GLN 47 136 136 GLN GLN A . n 
# 
_software.name             AMBER 
_software.classification   refinement 
_software.version          . 
_software.citation_id      ? 
_software.pdbx_ordinal     1 
# 
_cell.entry_id           1HNR 
_cell.length_a           1.000 
_cell.length_b           1.000 
_cell.length_c           1.000 
_cell.angle_alpha        90.00 
_cell.angle_beta         90.00 
_cell.angle_gamma        90.00 
_cell.Z_PDB              1 
_cell.pdbx_unique_axis   ? 
# 
_symmetry.entry_id                         1HNR 
_symmetry.space_group_name_H-M             'P 1' 
_symmetry.pdbx_full_space_group_name_H-M   ? 
_symmetry.cell_setting                     ? 
_symmetry.Int_Tables_number                1 
# 
_exptl.entry_id          1HNR 
_exptl.method            'SOLUTION NMR' 
_exptl.crystals_number   ? 
# 
_struct.entry_id                  1HNR 
_struct.title                     'H-NS (DNA-BINDING DOMAIN)' 
_struct.pdbx_model_details        ? 
_struct.pdbx_CASP_flag            ? 
_struct.pdbx_model_type_details   ? 
# 
_struct_keywords.entry_id        1HNR 
_struct_keywords.pdbx_keywords   'DNA BINDING PROTEIN' 
_struct_keywords.text            'HISTONE-LIKE PROTEIN H1, DNA-BINDING PROTEIN, DNA BINDING PROTEIN' 
# 
_struct_asym.id                            A 
_struct_asym.pdbx_blank_PDB_chainid_flag   Y 
_struct_asym.pdbx_modified                 N 
_struct_asym.entity_id                     1 
_struct_asym.details                       ? 
# 
_struct_ref.id                         1 
_struct_ref.db_name                    UNP 
_struct_ref.db_code                    HNS_ECOLI 
_struct_ref.entity_id                  1 
_struct_ref.pdbx_db_accession          P0ACF8 
_struct_ref.pdbx_align_begin           1 
_struct_ref.pdbx_seq_one_letter_code   
;SEALKILNNIRTLRAQARECTLETLEEMLEKLEVVVNERREEESAAAAEVEERTRKLQQYREMLIADGIDPNELLNSLAA
VKSGTKAKRAQRPAKYSYVDENGETKTWTGQGRTPAVIKKAMDEQGKSLDDFLIKQ
;
_struct_ref.pdbx_db_isoform            ? 
# 
_struct_ref_seq.align_id                      1 
_struct_ref_seq.ref_id                        1 
_struct_ref_seq.pdbx_PDB_id_code              1HNR 
_struct_ref_seq.pdbx_strand_id                A 
_struct_ref_seq.seq_align_beg                 1 
_struct_ref_seq.pdbx_seq_align_beg_ins_code   ? 
_struct_ref_seq.seq_align_end                 47 
_struct_ref_seq.pdbx_seq_align_end_ins_code   ? 
_struct_ref_seq.pdbx_db_accession             P0ACF8 
_struct_ref_seq.db_align_beg                  90 
_struct_ref_seq.pdbx_db_align_beg_ins_code    ? 
_struct_ref_seq.db_align_end                  136 
_struct_ref_seq.pdbx_db_align_end_ins_code    ? 
_struct_ref_seq.pdbx_auth_seq_align_beg       90 
_struct_ref_seq.pdbx_auth_seq_align_end       136 
# 
_pdbx_struct_assembly.id                   1 
_pdbx_struct_assembly.details              author_defined_assembly 
_pdbx_struct_assembly.method_details       ? 
_pdbx_struct_assembly.oligomeric_details   monomeric 
_pdbx_struct_assembly.oligomeric_count     1 
# 
_pdbx_struct_assembly_gen.assembly_id       1 
_pdbx_struct_assembly_gen.oper_expression   1 
_pdbx_struct_assembly_gen.asym_id_list      A 
# 
_pdbx_struct_oper_list.id                   1 
_pdbx_struct_oper_list.type                 'identity operation' 
_pdbx_struct_oper_list.name                 1_555 
_pdbx_struct_oper_list.symmetry_operation   x,y,z 
_pdbx_struct_oper_list.matrix[1][1]         1.0000000000 
_pdbx_struct_oper_list.matrix[1][2]         0.0000000000 
_pdbx_struct_oper_list.matrix[1][3]         0.0000000000 
_pdbx_struct_oper_list.vector[1]            0.0000000000 
_pdbx_struct_oper_list.matrix[2][1]         0.0000000000 
_pdbx_struct_oper_list.matrix[2][2]         1.0000000000 
_pdbx_struct_oper_list.matrix[2][3]         0.0000000000 
_pdbx_struct_oper_list.vector[2]            0.0000000000 
_pdbx_struct_oper_list.matrix[3][1]         0.0000000000 
_pdbx_struct_oper_list.matrix[3][2]         0.0000000000 
_pdbx_struct_oper_list.matrix[3][3]         1.0000000000 
_pdbx_struct_oper_list.vector[3]            0.0000000000 
# 
_struct_biol.id   1 
# 
loop_
_struct_conf.conf_type_id 
_struct_conf.id 
_struct_conf.pdbx_PDB_helix_id 
_struct_conf.beg_label_comp_id 
_struct_conf.beg_label_asym_id 
_struct_conf.beg_label_seq_id 
_struct_conf.pdbx_beg_PDB_ins_code 
_struct_conf.end_label_comp_id 
_struct_conf.end_label_asym_id 
_struct_conf.end_label_seq_id 
_struct_conf.pdbx_end_PDB_ins_code 
_struct_conf.beg_auth_comp_id 
_struct_conf.beg_auth_asym_id 
_struct_conf.beg_auth_seq_id 
_struct_conf.end_auth_comp_id 
_struct_conf.end_auth_asym_id 
_struct_conf.end_auth_seq_id 
_struct_conf.pdbx_PDB_helix_class 
_struct_conf.details 
_struct_conf.pdbx_PDB_helix_length 
HELX_P HELX_P1 H1 ALA A 27 ? GLU A 35 ? ALA A 116 GLU A 124 1 ? 9 
HELX_P HELX_P2 H2 LEU A 40 ? PHE A 43 ? LEU A 129 PHE A 132 5 ? 4 
# 
_struct_conf_type.id          HELX_P 
_struct_conf_type.criteria    ? 
_struct_conf_type.reference   ? 
# 
_struct_sheet.id               S1 
_struct_sheet.type             ? 
_struct_sheet.number_strands   2 
_struct_sheet.details          ? 
# 
_struct_sheet_order.sheet_id     S1 
_struct_sheet_order.range_id_1   1 
_struct_sheet_order.range_id_2   2 
_struct_sheet_order.offset       ? 
_struct_sheet_order.sense        anti-parallel 
# 
loop_
_struct_sheet_range.sheet_id 
_struct_sheet_range.id 
_struct_sheet_range.beg_label_comp_id 
_struct_sheet_range.beg_label_asym_id 
_struct_sheet_range.beg_label_seq_id 
_struct_sheet_range.pdbx_beg_PDB_ins_code 
_struct_sheet_range.end_label_comp_id 
_struct_sheet_range.end_label_asym_id 
_struct_sheet_range.end_label_seq_id 
_struct_sheet_range.pdbx_end_PDB_ins_code 
_struct_sheet_range.beg_auth_comp_id 
_struct_sheet_range.beg_auth_asym_id 
_struct_sheet_range.beg_auth_seq_id 
_struct_sheet_range.end_auth_comp_id 
_struct_sheet_range.end_auth_asym_id 
_struct_sheet_range.end_auth_seq_id 
S1 1 TYR A 7  ? ASP A 11 ? TYR A 96  ASP A 100 
S1 2 THR A 16 ? TRP A 19 ? THR A 105 TRP A 108 
# 
_pdbx_struct_sheet_hbond.sheet_id                S1 
_pdbx_struct_sheet_hbond.range_id_1              1 
_pdbx_struct_sheet_hbond.range_id_2              2 
_pdbx_struct_sheet_hbond.range_1_label_atom_id   N 
_pdbx_struct_sheet_hbond.range_1_label_comp_id   TYR 
_pdbx_struct_sheet_hbond.range_1_label_asym_id   A 
_pdbx_struct_sheet_hbond.range_1_label_seq_id    9 
_pdbx_struct_sheet_hbond.range_1_PDB_ins_code    ? 
_pdbx_struct_sheet_hbond.range_1_auth_atom_id    N 
_pdbx_struct_sheet_hbond.range_1_auth_comp_id    TYR 
_pdbx_struct_sheet_hbond.range_1_auth_asym_id    A 
_pdbx_struct_sheet_hbond.range_1_auth_seq_id     98 
_pdbx_struct_sheet_hbond.range_2_label_atom_id   O 
_pdbx_struct_sheet_hbond.range_2_label_comp_id   LYS 
_pdbx_struct_sheet_hbond.range_2_label_asym_id   A 
_pdbx_struct_sheet_hbond.range_2_label_seq_id    17 
_pdbx_struct_sheet_hbond.range_2_PDB_ins_code    ? 
_pdbx_struct_sheet_hbond.range_2_auth_atom_id    O 
_pdbx_struct_sheet_hbond.range_2_auth_comp_id    LYS 
_pdbx_struct_sheet_hbond.range_2_auth_asym_id    A 
_pdbx_struct_sheet_hbond.range_2_auth_seq_id     106 
# 
loop_
_pdbx_validate_torsion.id 
_pdbx_validate_torsion.PDB_model_num 
_pdbx_validate_torsion.auth_comp_id 
_pdbx_validate_torsion.auth_asym_id 
_pdbx_validate_torsion.auth_seq_id 
_pdbx_validate_torsion.PDB_ins_code 
_pdbx_validate_torsion.label_alt_id 
_pdbx_validate_torsion.phi 
_pdbx_validate_torsion.psi 
1 1 ASP A 100 ? ? -109.64 -166.96 
2 1 THR A 105 ? ? -69.98  81.37   
3 1 THR A 109 ? ? 41.50   -149.48 
4 1 PRO A 115 ? ? -65.41  -73.68  
5 1 ALA A 116 ? ? -159.13 -38.88  
6 1 GLN A 125 ? ? -127.98 -79.12  
7 1 ILE A 134 ? ? -79.90  48.69   
8 1 LYS A 135 ? ? 63.99   -73.85  
# 
_pdbx_nmr_ensemble.entry_id                             1HNR 
_pdbx_nmr_ensemble.conformers_calculated_total_number   ? 
_pdbx_nmr_ensemble.conformers_submitted_total_number    1 
_pdbx_nmr_ensemble.conformer_selection_criteria         ? 
# 
loop_
_pdbx_nmr_software.classification 
_pdbx_nmr_software.name 
_pdbx_nmr_software.version 
_pdbx_nmr_software.authors 
_pdbx_nmr_software.ordinal 
refinement EMBOSS ? NAKAI,KIDERA,NAKAMURA                1 
refinement PRESTO ? MORIKAMI,NAKAI,KIDERA,SAITO,NAKAMURA 2 
# 
loop_
_chem_comp_atom.comp_id 
_chem_comp_atom.atom_id 
_chem_comp_atom.type_symbol 
_chem_comp_atom.pdbx_aromatic_flag 
_chem_comp_atom.pdbx_stereo_config 
_chem_comp_atom.pdbx_ordinal 
ALA N    N N N 1   
ALA CA   C N S 2   
ALA C    C N N 3   
ALA O    O N N 4   
ALA CB   C N N 5   
ALA OXT  O N N 6   
ALA H    H N N 7   
ALA H2   H N N 8   
ALA HA   H N N 9   
ALA HB1  H N N 10  
ALA HB2  H N N 11  
ALA HB3  H N N 12  
ALA HXT  H N N 13  
ARG N    N N N 14  
ARG CA   C N S 15  
ARG C    C N N 16  
ARG O    O N N 17  
ARG CB   C N N 18  
ARG CG   C N N 19  
ARG CD   C N N 20  
ARG NE   N N N 21  
ARG CZ   C N N 22  
ARG NH1  N N N 23  
ARG NH2  N N N 24  
ARG OXT  O N N 25  
ARG H    H N N 26  
ARG H2   H N N 27  
ARG HA   H N N 28  
ARG HB2  H N N 29  
ARG HB3  H N N 30  
ARG HG2  H N N 31  
ARG HG3  H N N 32  
ARG HD2  H N N 33  
ARG HD3  H N N 34  
ARG HE   H N N 35  
ARG HH11 H N N 36  
ARG HH12 H N N 37  
ARG HH21 H N N 38  
ARG HH22 H N N 39  
ARG HXT  H N N 40  
ASN N    N N N 41  
ASN CA   C N S 42  
ASN C    C N N 43  
ASN O    O N N 44  
ASN CB   C N N 45  
ASN CG   C N N 46  
ASN OD1  O N N 47  
ASN ND2  N N N 48  
ASN OXT  O N N 49  
ASN H    H N N 50  
ASN H2   H N N 51  
ASN HA   H N N 52  
ASN HB2  H N N 53  
ASN HB3  H N N 54  
ASN HD21 H N N 55  
ASN HD22 H N N 56  
ASN HXT  H N N 57  
ASP N    N N N 58  
ASP CA   C N S 59  
ASP C    C N N 60  
ASP O    O N N 61  
ASP CB   C N N 62  
ASP CG   C N N 63  
ASP OD1  O N N 64  
ASP OD2  O N N 65  
ASP OXT  O N N 66  
ASP H    H N N 67  
ASP H2   H N N 68  
ASP HA   H N N 69  
ASP HB2  H N N 70  
ASP HB3  H N N 71  
ASP HD2  H N N 72  
ASP HXT  H N N 73  
GLN N    N N N 74  
GLN CA   C N S 75  
GLN C    C N N 76  
GLN O    O N N 77  
GLN CB   C N N 78  
GLN CG   C N N 79  
GLN CD   C N N 80  
GLN OE1  O N N 81  
GLN NE2  N N N 82  
GLN OXT  O N N 83  
GLN H    H N N 84  
GLN H2   H N N 85  
GLN HA   H N N 86  
GLN HB2  H N N 87  
GLN HB3  H N N 88  
GLN HG2  H N N 89  
GLN HG3  H N N 90  
GLN HE21 H N N 91  
GLN HE22 H N N 92  
GLN HXT  H N N 93  
GLU N    N N N 94  
GLU CA   C N S 95  
GLU C    C N N 96  
GLU O    O N N 97  
GLU CB   C N N 98  
GLU CG   C N N 99  
GLU CD   C N N 100 
GLU OE1  O N N 101 
GLU OE2  O N N 102 
GLU OXT  O N N 103 
GLU H    H N N 104 
GLU H2   H N N 105 
GLU HA   H N N 106 
GLU HB2  H N N 107 
GLU HB3  H N N 108 
GLU HG2  H N N 109 
GLU HG3  H N N 110 
GLU HE2  H N N 111 
GLU HXT  H N N 112 
GLY N    N N N 113 
GLY CA   C N N 114 
GLY C    C N N 115 
GLY O    O N N 116 
GLY OXT  O N N 117 
GLY H    H N N 118 
GLY H2   H N N 119 
GLY HA2  H N N 120 
GLY HA3  H N N 121 
GLY HXT  H N N 122 
ILE N    N N N 123 
ILE CA   C N S 124 
ILE C    C N N 125 
ILE O    O N N 126 
ILE CB   C N S 127 
ILE CG1  C N N 128 
ILE CG2  C N N 129 
ILE CD1  C N N 130 
ILE OXT  O N N 131 
ILE H    H N N 132 
ILE H2   H N N 133 
ILE HA   H N N 134 
ILE HB   H N N 135 
ILE HG12 H N N 136 
ILE HG13 H N N 137 
ILE HG21 H N N 138 
ILE HG22 H N N 139 
ILE HG23 H N N 140 
ILE HD11 H N N 141 
ILE HD12 H N N 142 
ILE HD13 H N N 143 
ILE HXT  H N N 144 
LEU N    N N N 145 
LEU CA   C N S 146 
LEU C    C N N 147 
LEU O    O N N 148 
LEU CB   C N N 149 
LEU CG   C N N 150 
LEU CD1  C N N 151 
LEU CD2  C N N 152 
LEU OXT  O N N 153 
LEU H    H N N 154 
LEU H2   H N N 155 
LEU HA   H N N 156 
LEU HB2  H N N 157 
LEU HB3  H N N 158 
LEU HG   H N N 159 
LEU HD11 H N N 160 
LEU HD12 H N N 161 
LEU HD13 H N N 162 
LEU HD21 H N N 163 
LEU HD22 H N N 164 
LEU HD23 H N N 165 
LEU HXT  H N N 166 
LYS N    N N N 167 
LYS CA   C N S 168 
LYS C    C N N 169 
LYS O    O N N 170 
LYS CB   C N N 171 
LYS CG   C N N 172 
LYS CD   C N N 173 
LYS CE   C N N 174 
LYS NZ   N N N 175 
LYS OXT  O N N 176 
LYS H    H N N 177 
LYS H2   H N N 178 
LYS HA   H N N 179 
LYS HB2  H N N 180 
LYS HB3  H N N 181 
LYS HG2  H N N 182 
LYS HG3  H N N 183 
LYS HD2  H N N 184 
LYS HD3  H N N 185 
LYS HE2  H N N 186 
LYS HE3  H N N 187 
LYS HZ1  H N N 188 
LYS HZ2  H N N 189 
LYS HZ3  H N N 190 
LYS HXT  H N N 191 
MET N    N N N 192 
MET CA   C N S 193 
MET C    C N N 194 
MET O    O N N 195 
MET CB   C N N 196 
MET CG   C N N 197 
MET SD   S N N 198 
MET CE   C N N 199 
MET OXT  O N N 200 
MET H    H N N 201 
MET H2   H N N 202 
MET HA   H N N 203 
MET HB2  H N N 204 
MET HB3  H N N 205 
MET HG2  H N N 206 
MET HG3  H N N 207 
MET HE1  H N N 208 
MET HE2  H N N 209 
MET HE3  H N N 210 
MET HXT  H N N 211 
PHE N    N N N 212 
PHE CA   C N S 213 
PHE C    C N N 214 
PHE O    O N N 215 
PHE CB   C N N 216 
PHE CG   C Y N 217 
PHE CD1  C Y N 218 
PHE CD2  C Y N 219 
PHE CE1  C Y N 220 
PHE CE2  C Y N 221 
PHE CZ   C Y N 222 
PHE OXT  O N N 223 
PHE H    H N N 224 
PHE H2   H N N 225 
PHE HA   H N N 226 
PHE HB2  H N N 227 
PHE HB3  H N N 228 
PHE HD1  H N N 229 
PHE HD2  H N N 230 
PHE HE1  H N N 231 
PHE HE2  H N N 232 
PHE HZ   H N N 233 
PHE HXT  H N N 234 
PRO N    N N N 235 
PRO CA   C N S 236 
PRO C    C N N 237 
PRO O    O N N 238 
PRO CB   C N N 239 
PRO CG   C N N 240 
PRO CD   C N N 241 
PRO OXT  O N N 242 
PRO H    H N N 243 
PRO HA   H N N 244 
PRO HB2  H N N 245 
PRO HB3  H N N 246 
PRO HG2  H N N 247 
PRO HG3  H N N 248 
PRO HD2  H N N 249 
PRO HD3  H N N 250 
PRO HXT  H N N 251 
SER N    N N N 252 
SER CA   C N S 253 
SER C    C N N 254 
SER O    O N N 255 
SER CB   C N N 256 
SER OG   O N N 257 
SER OXT  O N N 258 
SER H    H N N 259 
SER H2   H N N 260 
SER HA   H N N 261 
SER HB2  H N N 262 
SER HB3  H N N 263 
SER HG   H N N 264 
SER HXT  H N N 265 
THR N    N N N 266 
THR CA   C N S 267 
THR C    C N N 268 
THR O    O N N 269 
THR CB   C N R 270 
THR OG1  O N N 271 
THR CG2  C N N 272 
THR OXT  O N N 273 
THR H    H N N 274 
THR H2   H N N 275 
THR HA   H N N 276 
THR HB   H N N 277 
THR HG1  H N N 278 
THR HG21 H N N 279 
THR HG22 H N N 280 
THR HG23 H N N 281 
THR HXT  H N N 282 
TRP N    N N N 283 
TRP CA   C N S 284 
TRP C    C N N 285 
TRP O    O N N 286 
TRP CB   C N N 287 
TRP CG   C Y N 288 
TRP CD1  C Y N 289 
TRP CD2  C Y N 290 
TRP NE1  N Y N 291 
TRP CE2  C Y N 292 
TRP CE3  C Y N 293 
TRP CZ2  C Y N 294 
TRP CZ3  C Y N 295 
TRP CH2  C Y N 296 
TRP OXT  O N N 297 
TRP H    H N N 298 
TRP H2   H N N 299 
TRP HA   H N N 300 
TRP HB2  H N N 301 
TRP HB3  H N N 302 
TRP HD1  H N N 303 
TRP HE1  H N N 304 
TRP HE3  H N N 305 
TRP HZ2  H N N 306 
TRP HZ3  H N N 307 
TRP HH2  H N N 308 
TRP HXT  H N N 309 
TYR N    N N N 310 
TYR CA   C N S 311 
TYR C    C N N 312 
TYR O    O N N 313 
TYR CB   C N N 314 
TYR CG   C Y N 315 
TYR CD1  C Y N 316 
TYR CD2  C Y N 317 
TYR CE1  C Y N 318 
TYR CE2  C Y N 319 
TYR CZ   C Y N 320 
TYR OH   O N N 321 
TYR OXT  O N N 322 
TYR H    H N N 323 
TYR H2   H N N 324 
TYR HA   H N N 325 
TYR HB2  H N N 326 
TYR HB3  H N N 327 
TYR HD1  H N N 328 
TYR HD2  H N N 329 
TYR HE1  H N N 330 
TYR HE2  H N N 331 
TYR HH   H N N 332 
TYR HXT  H N N 333 
VAL N    N N N 334 
VAL CA   C N S 335 
VAL C    C N N 336 
VAL O    O N N 337 
VAL CB   C N N 338 
VAL CG1  C N N 339 
VAL CG2  C N N 340 
VAL OXT  O N N 341 
VAL H    H N N 342 
VAL H2   H N N 343 
VAL HA   H N N 344 
VAL HB   H N N 345 
VAL HG11 H N N 346 
VAL HG12 H N N 347 
VAL HG13 H N N 348 
VAL HG21 H N N 349 
VAL HG22 H N N 350 
VAL HG23 H N N 351 
VAL HXT  H N N 352 
# 
loop_
_chem_comp_bond.comp_id 
_chem_comp_bond.atom_id_1 
_chem_comp_bond.atom_id_2 
_chem_comp_bond.value_order 
_chem_comp_bond.pdbx_aromatic_flag 
_chem_comp_bond.pdbx_stereo_config 
_chem_comp_bond.pdbx_ordinal 
ALA N   CA   sing N N 1   
ALA N   H    sing N N 2   
ALA N   H2   sing N N 3   
ALA CA  C    sing N N 4   
ALA CA  CB   sing N N 5   
ALA CA  HA   sing N N 6   
ALA C   O    doub N N 7   
ALA C   OXT  sing N N 8   
ALA CB  HB1  sing N N 9   
ALA CB  HB2  sing N N 10  
ALA CB  HB3  sing N N 11  
ALA OXT HXT  sing N N 12  
ARG N   CA   sing N N 13  
ARG N   H    sing N N 14  
ARG N   H2   sing N N 15  
ARG CA  C    sing N N 16  
ARG CA  CB   sing N N 17  
ARG CA  HA   sing N N 18  
ARG C   O    doub N N 19  
ARG C   OXT  sing N N 20  
ARG CB  CG   sing N N 21  
ARG CB  HB2  sing N N 22  
ARG CB  HB3  sing N N 23  
ARG CG  CD   sing N N 24  
ARG CG  HG2  sing N N 25  
ARG CG  HG3  sing N N 26  
ARG CD  NE   sing N N 27  
ARG CD  HD2  sing N N 28  
ARG CD  HD3  sing N N 29  
ARG NE  CZ   sing N N 30  
ARG NE  HE   sing N N 31  
ARG CZ  NH1  sing N N 32  
ARG CZ  NH2  doub N N 33  
ARG NH1 HH11 sing N N 34  
ARG NH1 HH12 sing N N 35  
ARG NH2 HH21 sing N N 36  
ARG NH2 HH22 sing N N 37  
ARG OXT HXT  sing N N 38  
ASN N   CA   sing N N 39  
ASN N   H    sing N N 40  
ASN N   H2   sing N N 41  
ASN CA  C    sing N N 42  
ASN CA  CB   sing N N 43  
ASN CA  HA   sing N N 44  
ASN C   O    doub N N 45  
ASN C   OXT  sing N N 46  
ASN CB  CG   sing N N 47  
ASN CB  HB2  sing N N 48  
ASN CB  HB3  sing N N 49  
ASN CG  OD1  doub N N 50  
ASN CG  ND2  sing N N 51  
ASN ND2 HD21 sing N N 52  
ASN ND2 HD22 sing N N 53  
ASN OXT HXT  sing N N 54  
ASP N   CA   sing N N 55  
ASP N   H    sing N N 56  
ASP N   H2   sing N N 57  
ASP CA  C    sing N N 58  
ASP CA  CB   sing N N 59  
ASP CA  HA   sing N N 60  
ASP C   O    doub N N 61  
ASP C   OXT  sing N N 62  
ASP CB  CG   sing N N 63  
ASP CB  HB2  sing N N 64  
ASP CB  HB3  sing N N 65  
ASP CG  OD1  doub N N 66  
ASP CG  OD2  sing N N 67  
ASP OD2 HD2  sing N N 68  
ASP OXT HXT  sing N N 69  
GLN N   CA   sing N N 70  
GLN N   H    sing N N 71  
GLN N   H2   sing N N 72  
GLN CA  C    sing N N 73  
GLN CA  CB   sing N N 74  
GLN CA  HA   sing N N 75  
GLN C   O    doub N N 76  
GLN C   OXT  sing N N 77  
GLN CB  CG   sing N N 78  
GLN CB  HB2  sing N N 79  
GLN CB  HB3  sing N N 80  
GLN CG  CD   sing N N 81  
GLN CG  HG2  sing N N 82  
GLN CG  HG3  sing N N 83  
GLN CD  OE1  doub N N 84  
GLN CD  NE2  sing N N 85  
GLN NE2 HE21 sing N N 86  
GLN NE2 HE22 sing N N 87  
GLN OXT HXT  sing N N 88  
GLU N   CA   sing N N 89  
GLU N   H    sing N N 90  
GLU N   H2   sing N N 91  
GLU CA  C    sing N N 92  
GLU CA  CB   sing N N 93  
GLU CA  HA   sing N N 94  
GLU C   O    doub N N 95  
GLU C   OXT  sing N N 96  
GLU CB  CG   sing N N 97  
GLU CB  HB2  sing N N 98  
GLU CB  HB3  sing N N 99  
GLU CG  CD   sing N N 100 
GLU CG  HG2  sing N N 101 
GLU CG  HG3  sing N N 102 
GLU CD  OE1  doub N N 103 
GLU CD  OE2  sing N N 104 
GLU OE2 HE2  sing N N 105 
GLU OXT HXT  sing N N 106 
GLY N   CA   sing N N 107 
GLY N   H    sing N N 108 
GLY N   H2   sing N N 109 
GLY CA  C    sing N N 110 
GLY CA  HA2  sing N N 111 
GLY CA  HA3  sing N N 112 
GLY C   O    doub N N 113 
GLY C   OXT  sing N N 114 
GLY OXT HXT  sing N N 115 
ILE N   CA   sing N N 116 
ILE N   H    sing N N 117 
ILE N   H2   sing N N 118 
ILE CA  C    sing N N 119 
ILE CA  CB   sing N N 120 
ILE CA  HA   sing N N 121 
ILE C   O    doub N N 122 
ILE C   OXT  sing N N 123 
ILE CB  CG1  sing N N 124 
ILE CB  CG2  sing N N 125 
ILE CB  HB   sing N N 126 
ILE CG1 CD1  sing N N 127 
ILE CG1 HG12 sing N N 128 
ILE CG1 HG13 sing N N 129 
ILE CG2 HG21 sing N N 130 
ILE CG2 HG22 sing N N 131 
ILE CG2 HG23 sing N N 132 
ILE CD1 HD11 sing N N 133 
ILE CD1 HD12 sing N N 134 
ILE CD1 HD13 sing N N 135 
ILE OXT HXT  sing N N 136 
LEU N   CA   sing N N 137 
LEU N   H    sing N N 138 
LEU N   H2   sing N N 139 
LEU CA  C    sing N N 140 
LEU CA  CB   sing N N 141 
LEU CA  HA   sing N N 142 
LEU C   O    doub N N 143 
LEU C   OXT  sing N N 144 
LEU CB  CG   sing N N 145 
LEU CB  HB2  sing N N 146 
LEU CB  HB3  sing N N 147 
LEU CG  CD1  sing N N 148 
LEU CG  CD2  sing N N 149 
LEU CG  HG   sing N N 150 
LEU CD1 HD11 sing N N 151 
LEU CD1 HD12 sing N N 152 
LEU CD1 HD13 sing N N 153 
LEU CD2 HD21 sing N N 154 
LEU CD2 HD22 sing N N 155 
LEU CD2 HD23 sing N N 156 
LEU OXT HXT  sing N N 157 
LYS N   CA   sing N N 158 
LYS N   H    sing N N 159 
LYS N   H2   sing N N 160 
LYS CA  C    sing N N 161 
LYS CA  CB   sing N N 162 
LYS CA  HA   sing N N 163 
LYS C   O    doub N N 164 
LYS C   OXT  sing N N 165 
LYS CB  CG   sing N N 166 
LYS CB  HB2  sing N N 167 
LYS CB  HB3  sing N N 168 
LYS CG  CD   sing N N 169 
LYS CG  HG2  sing N N 170 
LYS CG  HG3  sing N N 171 
LYS CD  CE   sing N N 172 
LYS CD  HD2  sing N N 173 
LYS CD  HD3  sing N N 174 
LYS CE  NZ   sing N N 175 
LYS CE  HE2  sing N N 176 
LYS CE  HE3  sing N N 177 
LYS NZ  HZ1  sing N N 178 
LYS NZ  HZ2  sing N N 179 
LYS NZ  HZ3  sing N N 180 
LYS OXT HXT  sing N N 181 
MET N   CA   sing N N 182 
MET N   H    sing N N 183 
MET N   H2   sing N N 184 
MET CA  C    sing N N 185 
MET CA  CB   sing N N 186 
MET CA  HA   sing N N 187 
MET C   O    doub N N 188 
MET C   OXT  sing N N 189 
MET CB  CG   sing N N 190 
MET CB  HB2  sing N N 191 
MET CB  HB3  sing N N 192 
MET CG  SD   sing N N 193 
MET CG  HG2  sing N N 194 
MET CG  HG3  sing N N 195 
MET SD  CE   sing N N 196 
MET CE  HE1  sing N N 197 
MET CE  HE2  sing N N 198 
MET CE  HE3  sing N N 199 
MET OXT HXT  sing N N 200 
PHE N   CA   sing N N 201 
PHE N   H    sing N N 202 
PHE N   H2   sing N N 203 
PHE CA  C    sing N N 204 
PHE CA  CB   sing N N 205 
PHE CA  HA   sing N N 206 
PHE C   O    doub N N 207 
PHE C   OXT  sing N N 208 
PHE CB  CG   sing N N 209 
PHE CB  HB2  sing N N 210 
PHE CB  HB3  sing N N 211 
PHE CG  CD1  doub Y N 212 
PHE CG  CD2  sing Y N 213 
PHE CD1 CE1  sing Y N 214 
PHE CD1 HD1  sing N N 215 
PHE CD2 CE2  doub Y N 216 
PHE CD2 HD2  sing N N 217 
PHE CE1 CZ   doub Y N 218 
PHE CE1 HE1  sing N N 219 
PHE CE2 CZ   sing Y N 220 
PHE CE2 HE2  sing N N 221 
PHE CZ  HZ   sing N N 222 
PHE OXT HXT  sing N N 223 
PRO N   CA   sing N N 224 
PRO N   CD   sing N N 225 
PRO N   H    sing N N 226 
PRO CA  C    sing N N 227 
PRO CA  CB   sing N N 228 
PRO CA  HA   sing N N 229 
PRO C   O    doub N N 230 
PRO C   OXT  sing N N 231 
PRO CB  CG   sing N N 232 
PRO CB  HB2  sing N N 233 
PRO CB  HB3  sing N N 234 
PRO CG  CD   sing N N 235 
PRO CG  HG2  sing N N 236 
PRO CG  HG3  sing N N 237 
PRO CD  HD2  sing N N 238 
PRO CD  HD3  sing N N 239 
PRO OXT HXT  sing N N 240 
SER N   CA   sing N N 241 
SER N   H    sing N N 242 
SER N   H2   sing N N 243 
SER CA  C    sing N N 244 
SER CA  CB   sing N N 245 
SER CA  HA   sing N N 246 
SER C   O    doub N N 247 
SER C   OXT  sing N N 248 
SER CB  OG   sing N N 249 
SER CB  HB2  sing N N 250 
SER CB  HB3  sing N N 251 
SER OG  HG   sing N N 252 
SER OXT HXT  sing N N 253 
THR N   CA   sing N N 254 
THR N   H    sing N N 255 
THR N   H2   sing N N 256 
THR CA  C    sing N N 257 
THR CA  CB   sing N N 258 
THR CA  HA   sing N N 259 
THR C   O    doub N N 260 
THR C   OXT  sing N N 261 
THR CB  OG1  sing N N 262 
THR CB  CG2  sing N N 263 
THR CB  HB   sing N N 264 
THR OG1 HG1  sing N N 265 
THR CG2 HG21 sing N N 266 
THR CG2 HG22 sing N N 267 
THR CG2 HG23 sing N N 268 
THR OXT HXT  sing N N 269 
TRP N   CA   sing N N 270 
TRP N   H    sing N N 271 
TRP N   H2   sing N N 272 
TRP CA  C    sing N N 273 
TRP CA  CB   sing N N 274 
TRP CA  HA   sing N N 275 
TRP C   O    doub N N 276 
TRP C   OXT  sing N N 277 
TRP CB  CG   sing N N 278 
TRP CB  HB2  sing N N 279 
TRP CB  HB3  sing N N 280 
TRP CG  CD1  doub Y N 281 
TRP CG  CD2  sing Y N 282 
TRP CD1 NE1  sing Y N 283 
TRP CD1 HD1  sing N N 284 
TRP CD2 CE2  doub Y N 285 
TRP CD2 CE3  sing Y N 286 
TRP NE1 CE2  sing Y N 287 
TRP NE1 HE1  sing N N 288 
TRP CE2 CZ2  sing Y N 289 
TRP CE3 CZ3  doub Y N 290 
TRP CE3 HE3  sing N N 291 
TRP CZ2 CH2  doub Y N 292 
TRP CZ2 HZ2  sing N N 293 
TRP CZ3 CH2  sing Y N 294 
TRP CZ3 HZ3  sing N N 295 
TRP CH2 HH2  sing N N 296 
TRP OXT HXT  sing N N 297 
TYR N   CA   sing N N 298 
TYR N   H    sing N N 299 
TYR N   H2   sing N N 300 
TYR CA  C    sing N N 301 
TYR CA  CB   sing N N 302 
TYR CA  HA   sing N N 303 
TYR C   O    doub N N 304 
TYR C   OXT  sing N N 305 
TYR CB  CG   sing N N 306 
TYR CB  HB2  sing N N 307 
TYR CB  HB3  sing N N 308 
TYR CG  CD1  doub Y N 309 
TYR CG  CD2  sing Y N 310 
TYR CD1 CE1  sing Y N 311 
TYR CD1 HD1  sing N N 312 
TYR CD2 CE2  doub Y N 313 
TYR CD2 HD2  sing N N 314 
TYR CE1 CZ   doub Y N 315 
TYR CE1 HE1  sing N N 316 
TYR CE2 CZ   sing Y N 317 
TYR CE2 HE2  sing N N 318 
TYR CZ  OH   sing N N 319 
TYR OH  HH   sing N N 320 
TYR OXT HXT  sing N N 321 
VAL N   CA   sing N N 322 
VAL N   H    sing N N 323 
VAL N   H2   sing N N 324 
VAL CA  C    sing N N 325 
VAL CA  CB   sing N N 326 
VAL CA  HA   sing N N 327 
VAL C   O    doub N N 328 
VAL C   OXT  sing N N 329 
VAL CB  CG1  sing N N 330 
VAL CB  CG2  sing N N 331 
VAL CB  HB   sing N N 332 
VAL CG1 HG11 sing N N 333 
VAL CG1 HG12 sing N N 334 
VAL CG1 HG13 sing N N 335 
VAL CG2 HG21 sing N N 336 
VAL CG2 HG22 sing N N 337 
VAL CG2 HG23 sing N N 338 
VAL OXT HXT  sing N N 339 
# 
_atom_sites.entry_id                    1HNR 
_atom_sites.fract_transf_matrix[1][1]   1.000000 
_atom_sites.fract_transf_matrix[1][2]   0.000000 
_atom_sites.fract_transf_matrix[1][3]   0.000000 
_atom_sites.fract_transf_matrix[2][1]   0.000000 
_atom_sites.fract_transf_matrix[2][2]   1.000000 
_atom_sites.fract_transf_matrix[2][3]   0.000000 
_atom_sites.fract_transf_matrix[3][1]   0.000000 
_atom_sites.fract_transf_matrix[3][2]   0.000000 
_atom_sites.fract_transf_matrix[3][3]   1.000000 
_atom_sites.fract_transf_vector[1]      0.00000 
_atom_sites.fract_transf_vector[2]      0.00000 
_atom_sites.fract_transf_vector[3]      0.00000 
# 
loop_
_atom_type.symbol 
C 
H 
N 
O 
S 
# 
loop_
_atom_site.group_PDB 
_atom_site.id 
_atom_site.type_symbol 
_atom_site.label_atom_id 
_atom_site.label_alt_id 
_atom_site.label_comp_id 
_atom_site.label_asym_id 
_atom_site.label_entity_id 
_atom_site.label_seq_id 
_atom_site.pdbx_PDB_ins_code 
_atom_site.Cartn_x 
_atom_site.Cartn_y 
_atom_site.Cartn_z 
_atom_site.occupancy 
_atom_site.B_iso_or_equiv 
_atom_site.pdbx_formal_charge 
_atom_site.auth_seq_id 
_atom_site.auth_comp_id 
_atom_site.auth_asym_id 
_atom_site.auth_atom_id 
_atom_site.pdbx_PDB_model_num 
ATOM 1   N N    . ALA A 1 1  ? 2.763   12.626  12.966  1.00 0.00 ? 90  ALA A N    1 
ATOM 2   C CA   . ALA A 1 1  ? 4.125   12.722  12.412  1.00 0.00 ? 90  ALA A CA   1 
ATOM 3   C C    . ALA A 1 1  ? 4.969   11.535  12.876  1.00 0.00 ? 90  ALA A C    1 
ATOM 4   O O    . ALA A 1 1  ? 4.522   10.750  13.711  1.00 0.00 ? 90  ALA A O    1 
ATOM 5   C CB   . ALA A 1 1  ? 4.780   14.039  12.836  1.00 0.00 ? 90  ALA A CB   1 
ATOM 6   H H1   . ALA A 1 1  ? 2.811   12.619  13.974  1.00 0.00 ? 90  ALA A H1   1 
ATOM 7   H H2   . ALA A 1 1  ? 2.217   13.418  12.659  1.00 0.00 ? 90  ALA A H2   1 
ATOM 8   H H3   . ALA A 1 1  ? 2.328   11.773  12.644  1.00 0.00 ? 90  ALA A H3   1 
ATOM 9   H HA   . ALA A 1 1  ? 4.061   12.698  11.324  1.00 0.00 ? 90  ALA A HA   1 
ATOM 10  H HB1  . ALA A 1 1  ? 4.156   14.874  12.516  1.00 0.00 ? 90  ALA A HB1  1 
ATOM 11  H HB2  . ALA A 1 1  ? 4.887   14.060  13.921  1.00 0.00 ? 90  ALA A HB2  1 
ATOM 12  H HB3  . ALA A 1 1  ? 5.763   14.123  12.372  1.00 0.00 ? 90  ALA A HB3  1 
ATOM 13  N N    . GLN A 1 2  ? 6.189   11.416  12.328  1.00 0.00 ? 91  GLN A N    1 
ATOM 14  C CA   . GLN A 1 2  ? 7.110   10.339  12.677  1.00 0.00 ? 91  GLN A CA   1 
ATOM 15  C C    . GLN A 1 2  ? 6.443   8.977   12.448  1.00 0.00 ? 91  GLN A C    1 
ATOM 16  O O    . GLN A 1 2  ? 6.339   8.168   13.371  1.00 0.00 ? 91  GLN A O    1 
ATOM 17  C CB   . GLN A 1 2  ? 7.561   10.503  14.136  1.00 0.00 ? 91  GLN A CB   1 
ATOM 18  C CG   . GLN A 1 2  ? 8.791   9.625   14.407  1.00 0.00 ? 91  GLN A CG   1 
ATOM 19  C CD   . GLN A 1 2  ? 8.678   8.927   15.757  1.00 0.00 ? 91  GLN A CD   1 
ATOM 20  O OE1  . GLN A 1 2  ? 9.404   9.254   16.691  1.00 0.00 ? 91  GLN A OE1  1 
ATOM 21  N NE2  . GLN A 1 2  ? 7.765   7.961   15.855  1.00 0.00 ? 91  GLN A NE2  1 
ATOM 22  H H    . GLN A 1 2  ? 6.493   12.095  11.645  1.00 0.00 ? 91  GLN A H    1 
ATOM 23  H HA   . GLN A 1 2  ? 7.986   10.411  12.031  1.00 0.00 ? 91  GLN A HA   1 
ATOM 24  H HB2  . GLN A 1 2  ? 7.820   11.547  14.319  1.00 0.00 ? 91  GLN A HB2  1 
ATOM 25  H HB3  . GLN A 1 2  ? 6.750   10.213  14.804  1.00 0.00 ? 91  GLN A HB3  1 
ATOM 26  H HG2  . GLN A 1 2  ? 8.879   8.872   13.624  1.00 0.00 ? 91  GLN A HG2  1 
ATOM 27  H HG3  . GLN A 1 2  ? 9.685   10.250  14.399  1.00 0.00 ? 91  GLN A HG3  1 
ATOM 28  H HE21 . GLN A 1 2  ? 7.180   7.739   15.059  1.00 0.00 ? 91  GLN A HE21 1 
ATOM 29  H HE22 . GLN A 1 2  ? 7.659   7.455   16.721  1.00 0.00 ? 91  GLN A HE22 1 
ATOM 30  N N    . ARG A 1 3  ? 5.995   8.732   11.209  1.00 0.00 ? 92  ARG A N    1 
ATOM 31  C CA   . ARG A 1 3  ? 5.344   7.480   10.842  1.00 0.00 ? 92  ARG A CA   1 
ATOM 32  C C    . ARG A 1 3  ? 6.155   6.801   9.732   1.00 0.00 ? 92  ARG A C    1 
ATOM 33  O O    . ARG A 1 3  ? 6.032   7.183   8.570   1.00 0.00 ? 92  ARG A O    1 
ATOM 34  C CB   . ARG A 1 3  ? 3.913   7.765   10.362  1.00 0.00 ? 92  ARG A CB   1 
ATOM 35  C CG   . ARG A 1 3  ? 3.052   8.313   11.513  1.00 0.00 ? 92  ARG A CG   1 
ATOM 36  C CD   . ARG A 1 3  ? 2.317   7.169   12.230  1.00 0.00 ? 92  ARG A CD   1 
ATOM 37  N NE   . ARG A 1 3  ? 3.245   6.299   12.968  1.00 0.00 ? 92  ARG A NE   1 
ATOM 38  C CZ   . ARG A 1 3  ? 3.806   6.640   14.145  1.00 0.00 ? 92  ARG A CZ   1 
ATOM 39  N NH1  . ARG A 1 3  ? 3.563   7.839   14.691  1.00 0.00 ? 92  ARG A NH1  1 
ATOM 40  N NH2  . ARG A 1 3  ? 4.612   5.774   14.774  1.00 0.00 ? 92  ARG A NH2  1 
ATOM 41  H H    . ARG A 1 3  ? 6.108   9.436   10.492  1.00 0.00 ? 92  ARG A H    1 
ATOM 42  H HA   . ARG A 1 3  ? 5.301   6.828   11.706  1.00 0.00 ? 92  ARG A HA   1 
ATOM 43  H HB2  . ARG A 1 3  ? 3.946   8.502   9.558   1.00 0.00 ? 92  ARG A HB2  1 
ATOM 44  H HB3  . ARG A 1 3  ? 3.468   6.845   9.981   1.00 0.00 ? 92  ARG A HB3  1 
ATOM 45  H HG2  . ARG A 1 3  ? 3.683   8.842   12.223  1.00 0.00 ? 92  ARG A HG2  1 
ATOM 46  H HG3  . ARG A 1 3  ? 2.315   9.007   11.106  1.00 0.00 ? 92  ARG A HG3  1 
ATOM 47  H HD2  . ARG A 1 3  ? 1.593   7.592   12.927  1.00 0.00 ? 92  ARG A HD2  1 
ATOM 48  H HD3  . ARG A 1 3  ? 1.783   6.571   11.490  1.00 0.00 ? 92  ARG A HD3  1 
ATOM 49  H HE   . ARG A 1 3  ? 3.465   5.401   12.561  1.00 0.00 ? 92  ARG A HE   1 
ATOM 50  H HH11 . ARG A 1 3  ? 2.966   8.498   14.216  1.00 0.00 ? 92  ARG A HH11 1 
ATOM 51  H HH12 . ARG A 1 3  ? 3.979   8.087   15.577  1.00 0.00 ? 92  ARG A HH12 1 
ATOM 52  H HH21 . ARG A 1 3  ? 4.790   4.865   14.371  1.00 0.00 ? 92  ARG A HH21 1 
ATOM 53  H HH22 . ARG A 1 3  ? 5.042   6.027   15.651  1.00 0.00 ? 92  ARG A HH22 1 
ATOM 54  N N    . PRO A 1 4  ? 6.986   5.793   10.078  1.00 0.00 ? 93  PRO A N    1 
ATOM 55  C CA   . PRO A 1 4  ? 7.798   5.084   9.106   1.00 0.00 ? 93  PRO A CA   1 
ATOM 56  C C    . PRO A 1 4  ? 6.923   4.400   8.054   1.00 0.00 ? 93  PRO A C    1 
ATOM 57  O O    . PRO A 1 4  ? 7.334   4.261   6.903   1.00 0.00 ? 93  PRO A O    1 
ATOM 58  C CB   . PRO A 1 4  ? 8.613   4.061   9.904   1.00 0.00 ? 93  PRO A CB   1 
ATOM 59  C CG   . PRO A 1 4  ? 8.243   4.247   11.381  1.00 0.00 ? 93  PRO A CG   1 
ATOM 60  C CD   . PRO A 1 4  ? 7.158   5.321   11.437  1.00 0.00 ? 93  PRO A CD   1 
ATOM 61  H HA   . PRO A 1 4  ? 8.475   5.787   8.616   1.00 0.00 ? 93  PRO A HA   1 
ATOM 62  H HB2  . PRO A 1 4  ? 8.363   3.049   9.583   1.00 0.00 ? 93  PRO A HB2  1 
ATOM 63  H HB3  . PRO A 1 4  ? 9.679   4.242   9.763   1.00 0.00 ? 93  PRO A HB3  1 
ATOM 64  H HG2  . PRO A 1 4  ? 7.863   3.310   11.792  1.00 0.00 ? 93  PRO A HG2  1 
ATOM 65  H HG3  . PRO A 1 4  ? 9.118   4.571   11.946  1.00 0.00 ? 93  PRO A HG3  1 
ATOM 66  H HD2  . PRO A 1 4  ? 6.227   4.889   11.805  1.00 0.00 ? 93  PRO A HD2  1 
ATOM 67  H HD3  . PRO A 1 4  ? 7.476   6.140   12.084  1.00 0.00 ? 93  PRO A HD3  1 
ATOM 68  N N    . ALA A 1 5  ? 5.715   3.972   8.452   1.00 0.00 ? 94  ALA A N    1 
ATOM 69  C CA   . ALA A 1 5  ? 4.787   3.307   7.551   1.00 0.00 ? 94  ALA A CA   1 
ATOM 70  C C    . ALA A 1 5  ? 4.133   4.330   6.619   1.00 0.00 ? 94  ALA A C    1 
ATOM 71  O O    . ALA A 1 5  ? 2.943   4.612   6.739   1.00 0.00 ? 94  ALA A O    1 
ATOM 72  C CB   . ALA A 1 5  ? 3.731   2.567   8.373   1.00 0.00 ? 94  ALA A CB   1 
ATOM 73  H H    . ALA A 1 5  ? 5.430   4.111   9.410   1.00 0.00 ? 94  ALA A H    1 
ATOM 74  H HA   . ALA A 1 5  ? 5.335   2.580   6.949   1.00 0.00 ? 94  ALA A HA   1 
ATOM 75  H HB1  . ALA A 1 5  ? 3.212   3.273   9.023   1.00 0.00 ? 94  ALA A HB1  1 
ATOM 76  H HB2  . ALA A 1 5  ? 3.013   2.096   7.703   1.00 0.00 ? 94  ALA A HB2  1 
ATOM 77  H HB3  . ALA A 1 5  ? 4.213   1.802   8.983   1.00 0.00 ? 94  ALA A HB3  1 
ATOM 78  N N    . LYS A 1 6  ? 4.920   4.879   5.688   1.00 0.00 ? 95  LYS A N    1 
ATOM 79  C CA   . LYS A 1 6  ? 4.427   5.855   4.723   1.00 0.00 ? 95  LYS A CA   1 
ATOM 80  C C    . LYS A 1 6  ? 3.792   5.142   3.526   1.00 0.00 ? 95  LYS A C    1 
ATOM 81  O O    . LYS A 1 6  ? 3.143   5.779   2.700   1.00 0.00 ? 95  LYS A O    1 
ATOM 82  C CB   . LYS A 1 6  ? 5.590   6.734   4.257   1.00 0.00 ? 95  LYS A CB   1 
ATOM 83  C CG   . LYS A 1 6  ? 6.223   7.444   5.458   1.00 0.00 ? 95  LYS A CG   1 
ATOM 84  C CD   . LYS A 1 6  ? 7.217   8.511   4.984   1.00 0.00 ? 95  LYS A CD   1 
ATOM 85  C CE   . LYS A 1 6  ? 8.359   7.863   4.188   1.00 0.00 ? 95  LYS A CE   1 
ATOM 86  N NZ   . LYS A 1 6  ? 8.085   7.892   2.739   1.00 0.00 ? 95  LYS A NZ   1 
ATOM 87  H H    . LYS A 1 6  ? 5.896   4.612   5.641   1.00 0.00 ? 95  LYS A H    1 
ATOM 88  H HA   . LYS A 1 6  ? 3.676   6.485   5.201   1.00 0.00 ? 95  LYS A HA   1 
ATOM 89  H HB2  . LYS A 1 6  ? 6.338   6.109   3.767   1.00 0.00 ? 95  LYS A HB2  1 
ATOM 90  H HB3  . LYS A 1 6  ? 5.220   7.478   3.550   1.00 0.00 ? 95  LYS A HB3  1 
ATOM 91  H HG2  . LYS A 1 6  ? 5.439   7.922   6.048   1.00 0.00 ? 95  LYS A HG2  1 
ATOM 92  H HG3  . LYS A 1 6  ? 6.744   6.716   6.079   1.00 0.00 ? 95  LYS A HG3  1 
ATOM 93  H HD2  . LYS A 1 6  ? 6.698   9.237   4.356   1.00 0.00 ? 95  LYS A HD2  1 
ATOM 94  H HD3  . LYS A 1 6  ? 7.632   9.023   5.854   1.00 0.00 ? 95  LYS A HD3  1 
ATOM 95  H HE2  . LYS A 1 6  ? 9.282   8.411   4.383   1.00 0.00 ? 95  LYS A HE2  1 
ATOM 96  H HE3  . LYS A 1 6  ? 8.484   6.830   4.511   1.00 0.00 ? 95  LYS A HE3  1 
ATOM 97  H HZ1  . LYS A 1 6  ? 7.208   7.430   2.549   1.00 0.00 ? 95  LYS A HZ1  1 
ATOM 98  H HZ2  . LYS A 1 6  ? 8.029   8.856   2.427   1.00 0.00 ? 95  LYS A HZ2  1 
ATOM 99  H HZ3  . LYS A 1 6  ? 8.828   7.422   2.244   1.00 0.00 ? 95  LYS A HZ3  1 
ATOM 100 N N    . TYR A 1 7  ? 3.984   3.821   3.431   1.00 0.00 ? 96  TYR A N    1 
ATOM 101 C CA   . TYR A 1 7  ? 3.451   3.039   2.333   1.00 0.00 ? 96  TYR A CA   1 
ATOM 102 C C    . TYR A 1 7  ? 1.959   2.822   2.544   1.00 0.00 ? 96  TYR A C    1 
ATOM 103 O O    . TYR A 1 7  ? 1.536   2.514   3.655   1.00 0.00 ? 96  TYR A O    1 
ATOM 104 C CB   . TYR A 1 7  ? 4.192   1.700   2.263   1.00 0.00 ? 96  TYR A CB   1 
ATOM 105 C CG   . TYR A 1 7  ? 5.053   1.555   1.030   1.00 0.00 ? 96  TYR A CG   1 
ATOM 106 C CD1  . TYR A 1 7  ? 4.464   1.632   -0.241  1.00 0.00 ? 96  TYR A CD1  1 
ATOM 107 C CD2  . TYR A 1 7  ? 6.438   1.347   1.152   1.00 0.00 ? 96  TYR A CD2  1 
ATOM 108 C CE1  . TYR A 1 7  ? 5.256   1.504   -1.391  1.00 0.00 ? 96  TYR A CE1  1 
ATOM 109 C CE2  . TYR A 1 7  ? 7.231   1.218   0.000   1.00 0.00 ? 96  TYR A CE2  1 
ATOM 110 C CZ   . TYR A 1 7  ? 6.641   1.297   -1.272  1.00 0.00 ? 96  TYR A CZ   1 
ATOM 111 O OH   . TYR A 1 7  ? 7.411   1.177   -2.390  1.00 0.00 ? 96  TYR A OH   1 
ATOM 112 H H    . TYR A 1 7  ? 4.512   3.341   4.140   1.00 0.00 ? 96  TYR A H    1 
ATOM 113 H HA   . TYR A 1 7  ? 3.604   3.585   1.402   1.00 0.00 ? 96  TYR A HA   1 
ATOM 114 H HB2  . TYR A 1 7  ? 4.824   1.596   3.147   1.00 0.00 ? 96  TYR A HB2  1 
ATOM 115 H HB3  . TYR A 1 7  ? 3.462   0.899   2.267   1.00 0.00 ? 96  TYR A HB3  1 
ATOM 116 H HD1  . TYR A 1 7  ? 3.401   1.793   -0.335  1.00 0.00 ? 96  TYR A HD1  1 
ATOM 117 H HD2  . TYR A 1 7  ? 6.894   1.288   2.129   1.00 0.00 ? 96  TYR A HD2  1 
ATOM 118 H HE1  . TYR A 1 7  ? 4.802   1.573   -2.365  1.00 0.00 ? 96  TYR A HE1  1 
ATOM 119 H HE2  . TYR A 1 7  ? 8.296   1.060   0.091   1.00 0.00 ? 96  TYR A HE2  1 
ATOM 120 H HH   . TYR A 1 7  ? 6.907   1.249   -3.203  1.00 0.00 ? 96  TYR A HH   1 
ATOM 121 N N    . SER A 1 8  ? 1.167   2.985   1.475   1.00 0.00 ? 97  SER A N    1 
ATOM 122 C CA   . SER A 1 8  ? -0.279  2.823   1.539   1.00 0.00 ? 97  SER A CA   1 
ATOM 123 C C    . SER A 1 8  ? -0.700  1.567   0.780   1.00 0.00 ? 97  SER A C    1 
ATOM 124 O O    . SER A 1 8  ? 0.010   1.120   -0.121  1.00 0.00 ? 97  SER A O    1 
ATOM 125 C CB   . SER A 1 8  ? -0.941  4.062   0.931   1.00 0.00 ? 97  SER A CB   1 
ATOM 126 O OG   . SER A 1 8  ? -2.305  4.101   1.296   1.00 0.00 ? 97  SER A OG   1 
ATOM 127 H H    . SER A 1 8  ? 1.577   3.233   0.583   1.00 0.00 ? 97  SER A H    1 
ATOM 128 H HA   . SER A 1 8  ? -0.585  2.731   2.576   1.00 0.00 ? 97  SER A HA   1 
ATOM 129 H HB2  . SER A 1 8  ? -0.441  4.957   1.299   1.00 0.00 ? 97  SER A HB2  1 
ATOM 130 H HB3  . SER A 1 8  ? -0.857  4.020   -0.155  1.00 0.00 ? 97  SER A HB3  1 
ATOM 131 H HG   . SER A 1 8  ? -2.709  4.869   0.883   1.00 0.00 ? 97  SER A HG   1 
ATOM 132 N N    . TYR A 1 9  ? -1.858  1.001   1.148   1.00 0.00 ? 98  TYR A N    1 
ATOM 133 C CA   . TYR A 1 9  ? -2.394  -0.186  0.489   1.00 0.00 ? 98  TYR A CA   1 
ATOM 134 C C    . TYR A 1 9  ? -3.797  0.118   -0.026  1.00 0.00 ? 98  TYR A C    1 
ATOM 135 O O    . TYR A 1 9  ? -4.475  0.986   0.512   1.00 0.00 ? 98  TYR A O    1 
ATOM 136 C CB   . TYR A 1 9  ? -2.417  -1.367  1.469   1.00 0.00 ? 98  TYR A CB   1 
ATOM 137 C CG   . TYR A 1 9  ? -3.510  -1.275  2.517   1.00 0.00 ? 98  TYR A CG   1 
ATOM 138 C CD1  . TYR A 1 9  ? -4.791  -1.793  2.245   1.00 0.00 ? 98  TYR A CD1  1 
ATOM 139 C CD2  . TYR A 1 9  ? -3.246  -0.680  3.762   1.00 0.00 ? 98  TYR A CD2  1 
ATOM 140 C CE1  . TYR A 1 9  ? -5.804  -1.710  3.215   1.00 0.00 ? 98  TYR A CE1  1 
ATOM 141 C CE2  . TYR A 1 9  ? -4.261  -0.598  4.731   1.00 0.00 ? 98  TYR A CE2  1 
ATOM 142 C CZ   . TYR A 1 9  ? -5.539  -1.110  4.457   1.00 0.00 ? 98  TYR A CZ   1 
ATOM 143 O OH   . TYR A 1 9  ? -6.522  -1.028  5.401   1.00 0.00 ? 98  TYR A OH   1 
ATOM 144 H H    . TYR A 1 9  ? -2.394  1.410   1.905   1.00 0.00 ? 98  TYR A H    1 
ATOM 145 H HA   . TYR A 1 9  ? -1.758  -0.447  -0.356  1.00 0.00 ? 98  TYR A HA   1 
ATOM 146 H HB2  . TYR A 1 9  ? -2.564  -2.284  0.899   1.00 0.00 ? 98  TYR A HB2  1 
ATOM 147 H HB3  . TYR A 1 9  ? -1.454  -1.424  1.972   1.00 0.00 ? 98  TYR A HB3  1 
ATOM 148 H HD1  . TYR A 1 9  ? -4.997  -2.253  1.290   1.00 0.00 ? 98  TYR A HD1  1 
ATOM 149 H HD2  . TYR A 1 9  ? -2.265  -0.285  3.974   1.00 0.00 ? 98  TYR A HD2  1 
ATOM 150 H HE1  . TYR A 1 9  ? -6.786  -2.107  3.004   1.00 0.00 ? 98  TYR A HE1  1 
ATOM 151 H HE2  . TYR A 1 9  ? -4.057  -0.140  5.688   1.00 0.00 ? 98  TYR A HE2  1 
ATOM 152 H HH   . TYR A 1 9  ? -7.367  -1.368  5.094   1.00 0.00 ? 98  TYR A HH   1 
ATOM 153 N N    . VAL A 1 10 ? -4.224  -0.602  -1.071  1.00 0.00 ? 99  VAL A N    1 
ATOM 154 C CA   . VAL A 1 10 ? -5.544  -0.418  -1.658  1.00 0.00 ? 99  VAL A CA   1 
ATOM 155 C C    . VAL A 1 10 ? -6.161  -1.788  -1.924  1.00 0.00 ? 99  VAL A C    1 
ATOM 156 O O    . VAL A 1 10 ? -5.551  -2.619  -2.596  1.00 0.00 ? 99  VAL A O    1 
ATOM 157 C CB   . VAL A 1 10 ? -5.423  0.390   -2.961  1.00 0.00 ? 99  VAL A CB   1 
ATOM 158 C CG1  . VAL A 1 10 ? -6.814  0.602   -3.568  1.00 0.00 ? 99  VAL A CG1  1 
ATOM 159 C CG2  . VAL A 1 10 ? -4.786  1.755   -2.672  1.00 0.00 ? 99  VAL A CG2  1 
ATOM 160 H H    . VAL A 1 10 ? -3.619  -1.302  -1.474  1.00 0.00 ? 99  VAL A H    1 
ATOM 161 H HA   . VAL A 1 10 ? -6.179  0.127   -0.957  1.00 0.00 ? 99  VAL A HA   1 
ATOM 162 H HB   . VAL A 1 10 ? -4.799  -0.155  -3.670  1.00 0.00 ? 99  VAL A HB   1 
ATOM 163 H HG11 . VAL A 1 10 ? -7.465  1.077   -2.832  1.00 0.00 ? 99  VAL A HG11 1 
ATOM 164 H HG12 . VAL A 1 10 ? -6.734  1.244   -4.445  1.00 0.00 ? 99  VAL A HG12 1 
ATOM 165 H HG13 . VAL A 1 10 ? -7.236  -0.358  -3.861  1.00 0.00 ? 99  VAL A HG13 1 
ATOM 166 H HG21 . VAL A 1 10 ? -5.346  2.259   -1.884  1.00 0.00 ? 99  VAL A HG21 1 
ATOM 167 H HG22 . VAL A 1 10 ? -3.754  1.618   -2.354  1.00 0.00 ? 99  VAL A HG22 1 
ATOM 168 H HG23 . VAL A 1 10 ? -4.806  2.363   -3.576  1.00 0.00 ? 99  VAL A HG23 1 
ATOM 169 N N    . ASP A 1 11 ? -7.369  -2.018  -1.390  1.00 0.00 ? 100 ASP A N    1 
ATOM 170 C CA   . ASP A 1 11 ? -8.074  -3.284  -1.560  1.00 0.00 ? 100 ASP A CA   1 
ATOM 171 C C    . ASP A 1 11 ? -9.281  -3.090  -2.480  1.00 0.00 ? 100 ASP A C    1 
ATOM 172 O O    . ASP A 1 11 ? -9.406  -2.061  -3.143  1.00 0.00 ? 100 ASP A O    1 
ATOM 173 C CB   . ASP A 1 11 ? -8.515  -3.800  -0.185  1.00 0.00 ? 100 ASP A CB   1 
ATOM 174 C CG   . ASP A 1 11 ? -9.784  -3.099  0.279   1.00 0.00 ? 100 ASP A CG   1 
ATOM 175 O OD1  . ASP A 1 11 ? -9.731  -1.859  0.407   1.00 0.00 ? 100 ASP A OD1  1 
ATOM 176 O OD2  . ASP A 1 11 ? -10.786 -3.814  0.484   1.00 0.00 ? 100 ASP A OD2  1 
ATOM 177 H H    . ASP A 1 11 ? -7.821  -1.293  -0.847  1.00 0.00 ? 100 ASP A H    1 
ATOM 178 H HA   . ASP A 1 11 ? -7.402  -4.013  -2.010  1.00 0.00 ? 100 ASP A HA   1 
ATOM 179 H HB2  . ASP A 1 11 ? -8.702  -4.872  -0.248  1.00 0.00 ? 100 ASP A HB2  1 
ATOM 180 H HB3  . ASP A 1 11 ? -7.722  -3.619  0.540   1.00 0.00 ? 100 ASP A HB3  1 
ATOM 181 N N    . GLU A 1 12 ? -10.168 -4.091  -2.511  1.00 0.00 ? 101 GLU A N    1 
ATOM 182 C CA   . GLU A 1 12 ? -11.366 -4.052  -3.334  1.00 0.00 ? 101 GLU A CA   1 
ATOM 183 C C    . GLU A 1 12 ? -12.281 -2.911  -2.883  1.00 0.00 ? 101 GLU A C    1 
ATOM 184 O O    . GLU A 1 12 ? -12.835 -2.198  -3.718  1.00 0.00 ? 101 GLU A O    1 
ATOM 185 C CB   . GLU A 1 12 ? -12.099 -5.398  -3.231  1.00 0.00 ? 101 GLU A CB   1 
ATOM 186 C CG   . GLU A 1 12 ? -11.351 -6.480  -4.027  1.00 0.00 ? 101 GLU A CG   1 
ATOM 187 C CD   . GLU A 1 12 ? -10.000 -6.817  -3.398  1.00 0.00 ? 101 GLU A CD   1 
ATOM 188 O OE1  . GLU A 1 12 ? -9.943  -6.855  -2.150  1.00 0.00 ? 101 GLU A OE1  1 
ATOM 189 O OE2  . GLU A 1 12 ? -9.049  -7.033  -4.181  1.00 0.00 ? 101 GLU A OE2  1 
ATOM 190 H H    . GLU A 1 12 ? -10.009 -4.916  -1.943  1.00 0.00 ? 101 GLU A H    1 
ATOM 191 H HA   . GLU A 1 12 ? -11.078 -3.883  -4.373  1.00 0.00 ? 101 GLU A HA   1 
ATOM 192 H HB2  . GLU A 1 12 ? -12.168 -5.696  -2.183  1.00 0.00 ? 101 GLU A HB2  1 
ATOM 193 H HB3  . GLU A 1 12 ? -13.105 -5.289  -3.638  1.00 0.00 ? 101 GLU A HB3  1 
ATOM 194 H HG2  . GLU A 1 12 ? -11.960 -7.383  -4.055  1.00 0.00 ? 101 GLU A HG2  1 
ATOM 195 H HG3  . GLU A 1 12 ? -11.192 -6.128  -5.046  1.00 0.00 ? 101 GLU A HG3  1 
ATOM 196 N N    . ASN A 1 13 ? -12.445 -2.741  -1.562  1.00 0.00 ? 102 ASN A N    1 
ATOM 197 C CA   . ASN A 1 13 ? -13.302 -1.693  -1.021  1.00 0.00 ? 102 ASN A CA   1 
ATOM 198 C C    . ASN A 1 13 ? -12.705 -0.323  -1.329  1.00 0.00 ? 102 ASN A C    1 
ATOM 199 O O    . ASN A 1 13 ? -13.407 0.561   -1.819  1.00 0.00 ? 102 ASN A O    1 
ATOM 200 C CB   . ASN A 1 13 ? -13.467 -1.883  0.491   1.00 0.00 ? 102 ASN A CB   1 
ATOM 201 C CG   . ASN A 1 13 ? -14.277 -3.138  0.804   1.00 0.00 ? 102 ASN A CG   1 
ATOM 202 O OD1  . ASN A 1 13 ? -13.759 -4.090  1.381   1.00 0.00 ? 102 ASN A OD1  1 
ATOM 203 N ND2  . ASN A 1 13 ? -15.556 -3.139  0.424   1.00 0.00 ? 102 ASN A ND2  1 
ATOM 204 H H    . ASN A 1 13 ? -11.963 -3.355  -0.911  1.00 0.00 ? 102 ASN A H    1 
ATOM 205 H HA   . ASN A 1 13 ? -14.283 -1.761  -1.494  1.00 0.00 ? 102 ASN A HA   1 
ATOM 206 H HB2  . ASN A 1 13 ? -12.483 -1.965  0.955   1.00 0.00 ? 102 ASN A HB2  1 
ATOM 207 H HB3  . ASN A 1 13 ? -13.983 -1.016  0.905   1.00 0.00 ? 102 ASN A HB3  1 
ATOM 208 H HD21 . ASN A 1 13 ? -15.942 -2.333  -0.045  1.00 0.00 ? 102 ASN A HD21 1 
ATOM 209 H HD22 . ASN A 1 13 ? -16.133 -3.945  0.605   1.00 0.00 ? 102 ASN A HD22 1 
ATOM 210 N N    . GLY A 1 14 ? -11.408 -0.152  -1.040  1.00 0.00 ? 103 GLY A N    1 
ATOM 211 C CA   . GLY A 1 14 ? -10.709 1.101   -1.288  1.00 0.00 ? 103 GLY A CA   1 
ATOM 212 C C    . GLY A 1 14 ? -10.200 1.693   0.022   1.00 0.00 ? 103 GLY A C    1 
ATOM 213 O O    . GLY A 1 14 ? -10.271 2.906   0.227   1.00 0.00 ? 103 GLY A O    1 
ATOM 214 H H    . GLY A 1 14 ? -10.882 -0.919  -0.632  1.00 0.00 ? 103 GLY A H    1 
ATOM 215 H HA2  . GLY A 1 14 ? -9.862  0.913   -1.948  1.00 0.00 ? 103 GLY A HA2  1 
ATOM 216 H HA3  . GLY A 1 14 ? -11.382 1.812   -1.767  1.00 0.00 ? 103 GLY A HA3  1 
ATOM 217 N N    . GLU A 1 15 ? -9.680  0.836   0.908   1.00 0.00 ? 104 GLU A N    1 
ATOM 218 C CA   . GLU A 1 15 ? -9.142  1.265   2.187   1.00 0.00 ? 104 GLU A CA   1 
ATOM 219 C C    . GLU A 1 15 ? -7.748  1.850   1.975   1.00 0.00 ? 104 GLU A C    1 
ATOM 220 O O    . GLU A 1 15 ? -6.752  1.241   2.363   1.00 0.00 ? 104 GLU A O    1 
ATOM 221 C CB   . GLU A 1 15 ? -9.093  0.065   3.141   1.00 0.00 ? 104 GLU A CB   1 
ATOM 222 C CG   . GLU A 1 15 ? -10.490 -0.220  3.699   1.00 0.00 ? 104 GLU A CG   1 
ATOM 223 C CD   . GLU A 1 15 ? -10.751 0.611   4.949   1.00 0.00 ? 104 GLU A CD   1 
ATOM 224 O OE1  . GLU A 1 15 ? -10.255 0.197   6.020   1.00 0.00 ? 104 GLU A OE1  1 
ATOM 225 O OE2  . GLU A 1 15 ? -11.436 1.648   4.816   1.00 0.00 ? 104 GLU A OE2  1 
ATOM 226 H H    . GLU A 1 15 ? -9.654  -0.153  0.687   1.00 0.00 ? 104 GLU A H    1 
ATOM 227 H HA   . GLU A 1 15 ? -9.790  2.034   2.611   1.00 0.00 ? 104 GLU A HA   1 
ATOM 228 H HB2  . GLU A 1 15 ? -8.731  -0.810  2.603   1.00 0.00 ? 104 GLU A HB2  1 
ATOM 229 H HB3  . GLU A 1 15 ? -8.414  0.285   3.967   1.00 0.00 ? 104 GLU A HB3  1 
ATOM 230 H HG2  . GLU A 1 15 ? -11.239 0.017   2.943   1.00 0.00 ? 104 GLU A HG2  1 
ATOM 231 H HG3  . GLU A 1 15 ? -10.563 -1.278  3.955   1.00 0.00 ? 104 GLU A HG3  1 
ATOM 232 N N    . THR A 1 16 ? -7.684  3.037   1.358   1.00 0.00 ? 105 THR A N    1 
ATOM 233 C CA   . THR A 1 16 ? -6.424  3.716   1.100   1.00 0.00 ? 105 THR A CA   1 
ATOM 234 C C    . THR A 1 16 ? -5.834  4.208   2.424   1.00 0.00 ? 105 THR A C    1 
ATOM 235 O O    . THR A 1 16 ? -5.988  5.376   2.782   1.00 0.00 ? 105 THR A O    1 
ATOM 236 C CB   . THR A 1 16 ? -6.667  4.878   0.127   1.00 0.00 ? 105 THR A CB   1 
ATOM 237 O OG1  . THR A 1 16 ? -7.388  4.406   -0.991  1.00 0.00 ? 105 THR A OG1  1 
ATOM 238 C CG2  . THR A 1 16 ? -5.328  5.453   -0.342  1.00 0.00 ? 105 THR A CG2  1 
ATOM 239 H H    . THR A 1 16 ? -8.539  3.487   1.054   1.00 0.00 ? 105 THR A H    1 
ATOM 240 H HA   . THR A 1 16 ? -5.732  3.013   0.641   1.00 0.00 ? 105 THR A HA   1 
ATOM 241 H HB   . THR A 1 16 ? -7.244  5.657   0.626   1.00 0.00 ? 105 THR A HB   1 
ATOM 242 H HG1  . THR A 1 16 ? -7.564  5.146   -1.576  1.00 0.00 ? 105 THR A HG1  1 
ATOM 243 H HG21 . THR A 1 16 ? -4.735  4.665   -0.806  1.00 0.00 ? 105 THR A HG21 1 
ATOM 244 H HG22 . THR A 1 16 ? -5.509  6.246   -1.070  1.00 0.00 ? 105 THR A HG22 1 
ATOM 245 H HG23 . THR A 1 16 ? -4.787  5.863   0.510   1.00 0.00 ? 105 THR A HG23 1 
ATOM 246 N N    . LYS A 1 17 ? -5.168  3.302   3.150   1.00 0.00 ? 106 LYS A N    1 
ATOM 247 C CA   . LYS A 1 17 ? -4.574  3.610   4.442   1.00 0.00 ? 106 LYS A CA   1 
ATOM 248 C C    . LYS A 1 17 ? -3.141  3.087   4.481   1.00 0.00 ? 106 LYS A C    1 
ATOM 249 O O    . LYS A 1 17 ? -2.747  2.290   3.629   1.00 0.00 ? 106 LYS A O    1 
ATOM 250 C CB   . LYS A 1 17 ? -5.418  2.963   5.550   1.00 0.00 ? 106 LYS A CB   1 
ATOM 251 C CG   . LYS A 1 17 ? -6.838  3.541   5.532   1.00 0.00 ? 106 LYS A CG   1 
ATOM 252 C CD   . LYS A 1 17 ? -7.710  2.806   6.551   1.00 0.00 ? 106 LYS A CD   1 
ATOM 253 C CE   . LYS A 1 17 ? -9.133  3.368   6.504   1.00 0.00 ? 106 LYS A CE   1 
ATOM 254 N NZ   . LYS A 1 17 ? -10.051 2.564   7.329   1.00 0.00 ? 106 LYS A NZ   1 
ATOM 255 H H    . LYS A 1 17 ? -5.072  2.358   2.796   1.00 0.00 ? 106 LYS A H    1 
ATOM 256 H HA   . LYS A 1 17 ? -4.560  4.691   4.590   1.00 0.00 ? 106 LYS A HA   1 
ATOM 257 H HB2  . LYS A 1 17 ? -5.465  1.887   5.386   1.00 0.00 ? 106 LYS A HB2  1 
ATOM 258 H HB3  . LYS A 1 17 ? -4.959  3.161   6.519   1.00 0.00 ? 106 LYS A HB3  1 
ATOM 259 H HG2  . LYS A 1 17 ? -6.802  4.603   5.782   1.00 0.00 ? 106 LYS A HG2  1 
ATOM 260 H HG3  . LYS A 1 17 ? -7.270  3.418   4.540   1.00 0.00 ? 106 LYS A HG3  1 
ATOM 261 H HD2  . LYS A 1 17 ? -7.732  1.741   6.308   1.00 0.00 ? 106 LYS A HD2  1 
ATOM 262 H HD3  . LYS A 1 17 ? -7.296  2.941   7.551   1.00 0.00 ? 106 LYS A HD3  1 
ATOM 263 H HE2  . LYS A 1 17 ? -9.126  4.395   6.872   1.00 0.00 ? 106 LYS A HE2  1 
ATOM 264 H HE3  . LYS A 1 17 ? -9.487  3.361   5.472   1.00 0.00 ? 106 LYS A HE3  1 
ATOM 265 H HZ1  . LYS A 1 17 ? -10.044 1.602   7.003   1.00 0.00 ? 106 LYS A HZ1  1 
ATOM 266 H HZ2  . LYS A 1 17 ? -9.756  2.594   8.294   1.00 0.00 ? 106 LYS A HZ2  1 
ATOM 267 H HZ3  . LYS A 1 17 ? -10.987 2.934   7.250   1.00 0.00 ? 106 LYS A HZ3  1 
ATOM 268 N N    . THR A 1 18 ? -2.363  3.537   5.473   1.00 0.00 ? 107 THR A N    1 
ATOM 269 C CA   . THR A 1 18 ? -0.975  3.122   5.620   1.00 0.00 ? 107 THR A CA   1 
ATOM 270 C C    . THR A 1 18 ? -0.907  1.621   5.907   1.00 0.00 ? 107 THR A C    1 
ATOM 271 O O    . THR A 1 18 ? -1.868  1.042   6.410   1.00 0.00 ? 107 THR A O    1 
ATOM 272 C CB   . THR A 1 18 ? -0.324  3.923   6.753   1.00 0.00 ? 107 THR A CB   1 
ATOM 273 O OG1  . THR A 1 18 ? -1.166  3.913   7.887   1.00 0.00 ? 107 THR A OG1  1 
ATOM 274 C CG2  . THR A 1 18 ? -0.100  5.368   6.300   1.00 0.00 ? 107 THR A CG2  1 
ATOM 275 H H    . THR A 1 18 ? -2.739  4.186   6.148   1.00 0.00 ? 107 THR A H    1 
ATOM 276 H HA   . THR A 1 18 ? -0.448  3.331   4.694   1.00 0.00 ? 107 THR A HA   1 
ATOM 277 H HB   . THR A 1 18 ? 0.635   3.472   7.011   1.00 0.00 ? 107 THR A HB   1 
ATOM 278 H HG1  . THR A 1 18 ? -0.750  4.428   8.582   1.00 0.00 ? 107 THR A HG1  1 
ATOM 279 H HG21 . THR A 1 18 ? 0.538   5.376   5.416   1.00 0.00 ? 107 THR A HG21 1 
ATOM 280 H HG22 . THR A 1 18 ? -1.057  5.830   6.061   1.00 0.00 ? 107 THR A HG22 1 
ATOM 281 H HG23 . THR A 1 18 ? 0.385   5.928   7.100   1.00 0.00 ? 107 THR A HG23 1 
ATOM 282 N N    . TRP A 1 19 ? 0.234   0.989   5.586   1.00 0.00 ? 108 TRP A N    1 
ATOM 283 C CA   . TRP A 1 19 ? 0.410   -0.442  5.818   1.00 0.00 ? 108 TRP A CA   1 
ATOM 284 C C    . TRP A 1 19 ? 0.315   -0.728  7.315   1.00 0.00 ? 108 TRP A C    1 
ATOM 285 O O    . TRP A 1 19 ? -0.600  -1.422  7.753   1.00 0.00 ? 108 TRP A O    1 
ATOM 286 C CB   . TRP A 1 19 ? 1.767   -0.898  5.264   1.00 0.00 ? 108 TRP A CB   1 
ATOM 287 C CG   . TRP A 1 19 ? 1.862   -0.971  3.766   1.00 0.00 ? 108 TRP A CG   1 
ATOM 288 C CD1  . TRP A 1 19 ? 0.996   -0.432  2.890   1.00 0.00 ? 108 TRP A CD1  1 
ATOM 289 C CD2  . TRP A 1 19 ? 2.886   -1.614  2.945   1.00 0.00 ? 108 TRP A CD2  1 
ATOM 290 N NE1  . TRP A 1 19 ? 1.387   -0.673  1.595   1.00 0.00 ? 108 TRP A NE1  1 
ATOM 291 C CE2  . TRP A 1 19 ? 2.559   -1.404  1.565   1.00 0.00 ? 108 TRP A CE2  1 
ATOM 292 C CE3  . TRP A 1 19 ? 4.064   -2.352  3.215   1.00 0.00 ? 108 TRP A CE3  1 
ATOM 293 C CZ2  . TRP A 1 19 ? 3.352   -1.891  0.524   1.00 0.00 ? 108 TRP A CZ2  1 
ATOM 294 C CZ3  . TRP A 1 19 ? 4.865   -2.850  2.164   1.00 0.00 ? 108 TRP A CZ3  1 
ATOM 295 C CH2  . TRP A 1 19 ? 4.510   -2.618  0.822   1.00 0.00 ? 108 TRP A CH2  1 
ATOM 296 H H    . TRP A 1 19 ? 1.003   1.511   5.169   1.00 0.00 ? 108 TRP A H    1 
ATOM 297 H HA   . TRP A 1 19 ? -0.383  -0.986  5.304   1.00 0.00 ? 108 TRP A HA   1 
ATOM 298 H HB2  . TRP A 1 19 ? 2.535   -0.210  5.621   1.00 0.00 ? 108 TRP A HB2  1 
ATOM 299 H HB3  . TRP A 1 19 ? 1.982   -1.889  5.664   1.00 0.00 ? 108 TRP A HB3  1 
ATOM 300 H HD1  . TRP A 1 19 ? 0.111   0.123   3.164   1.00 0.00 ? 108 TRP A HD1  1 
ATOM 301 H HE1  . TRP A 1 19 ? 0.899   -0.364  0.763   1.00 0.00 ? 108 TRP A HE1  1 
ATOM 302 H HE3  . TRP A 1 19 ? 4.353   -2.539  4.239   1.00 0.00 ? 108 TRP A HE3  1 
ATOM 303 H HZ2  . TRP A 1 19 ? 3.074   -1.708  -0.504  1.00 0.00 ? 108 TRP A HZ2  1 
ATOM 304 H HZ3  . TRP A 1 19 ? 5.759   -3.411  2.391   1.00 0.00 ? 108 TRP A HZ3  1 
ATOM 305 H HH2  . TRP A 1 19 ? 5.129   -3.001  0.024   1.00 0.00 ? 108 TRP A HH2  1 
ATOM 306 N N    . THR A 1 20 ? 1.274   -0.179  8.086   1.00 0.00 ? 109 THR A N    1 
ATOM 307 C CA   . THR A 1 20 ? 1.344   -0.339  9.542   1.00 0.00 ? 109 THR A CA   1 
ATOM 308 C C    . THR A 1 20 ? 1.016   -1.790  9.954   1.00 0.00 ? 109 THR A C    1 
ATOM 309 O O    . THR A 1 20 ? 1.297   -2.729  9.203   1.00 0.00 ? 109 THR A O    1 
ATOM 310 C CB   . THR A 1 20 ? 0.430   0.712   10.225  1.00 0.00 ? 109 THR A CB   1 
ATOM 311 O OG1  . THR A 1 20 ? 0.619   0.669   11.626  1.00 0.00 ? 109 THR A OG1  1 
ATOM 312 C CG2  . THR A 1 20 ? -1.052  0.473   9.904   1.00 0.00 ? 109 THR A CG2  1 
ATOM 313 H H    . THR A 1 20 ? 1.991   0.377   7.646   1.00 0.00 ? 109 THR A H    1 
ATOM 314 H HA   . THR A 1 20 ? 2.370   -0.135  9.849   1.00 0.00 ? 109 THR A HA   1 
ATOM 315 H HB   . THR A 1 20 ? 0.710   1.704   9.868   1.00 0.00 ? 109 THR A HB   1 
ATOM 316 H HG1  . THR A 1 20 ? 0.092   1.366   12.027  1.00 0.00 ? 109 THR A HG1  1 
ATOM 317 H HG21 . THR A 1 20 ? -1.306  -0.572  10.061  1.00 0.00 ? 109 THR A HG21 1 
ATOM 318 H HG22 . THR A 1 20 ? -1.667  1.094   10.556  1.00 0.00 ? 109 THR A HG22 1 
ATOM 319 H HG23 . THR A 1 20 ? -1.248  0.743   8.869   1.00 0.00 ? 109 THR A HG23 1 
ATOM 320 N N    . GLY A 1 21 ? 0.435   -1.971  11.150  1.00 0.00 ? 110 GLY A N    1 
ATOM 321 C CA   . GLY A 1 21 ? 0.081   -3.288  11.652  1.00 0.00 ? 110 GLY A CA   1 
ATOM 322 C C    . GLY A 1 21 ? 1.342   -4.070  12.002  1.00 0.00 ? 110 GLY A C    1 
ATOM 323 O O    . GLY A 1 21 ? 1.748   -4.109  13.162  1.00 0.00 ? 110 GLY A O    1 
ATOM 324 H H    . GLY A 1 21 ? 0.233   -1.168  11.730  1.00 0.00 ? 110 GLY A H    1 
ATOM 325 H HA2  . GLY A 1 21 ? -0.533  -3.178  12.546  1.00 0.00 ? 110 GLY A HA2  1 
ATOM 326 H HA3  . GLY A 1 21 ? -0.483  -3.829  10.892  1.00 0.00 ? 110 GLY A HA3  1 
ATOM 327 N N    . GLN A 1 22 ? 1.955   -4.691  10.988  1.00 0.00 ? 111 GLN A N    1 
ATOM 328 C CA   . GLN A 1 22 ? 3.177   -5.467  11.161  1.00 0.00 ? 111 GLN A CA   1 
ATOM 329 C C    . GLN A 1 22 ? 4.248   -4.987  10.173  1.00 0.00 ? 111 GLN A C    1 
ATOM 330 O O    . GLN A 1 22 ? 5.401   -5.399  10.274  1.00 0.00 ? 111 GLN A O    1 
ATOM 331 C CB   . GLN A 1 22 ? 2.878   -6.955  10.936  1.00 0.00 ? 111 GLN A CB   1 
ATOM 332 C CG   . GLN A 1 22 ? 1.866   -7.463  11.974  1.00 0.00 ? 111 GLN A CG   1 
ATOM 333 C CD   . GLN A 1 22 ? 0.428   -7.254  11.500  1.00 0.00 ? 111 GLN A CD   1 
ATOM 334 O OE1  . GLN A 1 22 ? 0.064   -7.683  10.406  1.00 0.00 ? 111 GLN A OE1  1 
ATOM 335 N NE2  . GLN A 1 22 ? -0.389  -6.597  12.323  1.00 0.00 ? 111 GLN A NE2  1 
ATOM 336 H H    . GLN A 1 22 ? 1.563   -4.621  10.058  1.00 0.00 ? 111 GLN A H    1 
ATOM 337 H HA   . GLN A 1 22 ? 3.552   -5.331  12.175  1.00 0.00 ? 111 GLN A HA   1 
ATOM 338 H HB2  . GLN A 1 22 ? 2.476   -7.096  9.936   1.00 0.00 ? 111 GLN A HB2  1 
ATOM 339 H HB3  . GLN A 1 22 ? 3.804   -7.523  11.034  1.00 0.00 ? 111 GLN A HB3  1 
ATOM 340 H HG2  . GLN A 1 22 ? 2.030   -8.528  12.136  1.00 0.00 ? 111 GLN A HG2  1 
ATOM 341 H HG3  . GLN A 1 22 ? 2.018   -6.933  12.915  1.00 0.00 ? 111 GLN A HG3  1 
ATOM 342 H HE21 . GLN A 1 22 ? -0.045  -6.257  13.210  1.00 0.00 ? 111 GLN A HE21 1 
ATOM 343 H HE22 . GLN A 1 22 ? -1.351  -6.440  12.059  1.00 0.00 ? 111 GLN A HE22 1 
ATOM 344 N N    . GLY A 1 23 ? 3.868   -4.119  9.219   1.00 0.00 ? 112 GLY A N    1 
ATOM 345 C CA   . GLY A 1 23 ? 4.797   -3.607  8.225   1.00 0.00 ? 112 GLY A CA   1 
ATOM 346 C C    . GLY A 1 23 ? 5.269   -4.744  7.322   1.00 0.00 ? 112 GLY A C    1 
ATOM 347 O O    . GLY A 1 23 ? 6.429   -5.145  7.381   1.00 0.00 ? 112 GLY A O    1 
ATOM 348 H H    . GLY A 1 23 ? 2.907   -3.804  9.180   1.00 0.00 ? 112 GLY A H    1 
ATOM 349 H HA2  . GLY A 1 23 ? 4.300   -2.848  7.622   1.00 0.00 ? 112 GLY A HA2  1 
ATOM 350 H HA3  . GLY A 1 23 ? 5.657   -3.162  8.727   1.00 0.00 ? 112 GLY A HA3  1 
ATOM 351 N N    . ARG A 1 24 ? 4.360   -5.262  6.486   1.00 0.00 ? 113 ARG A N    1 
ATOM 352 C CA   . ARG A 1 24 ? 4.673   -6.361  5.586   1.00 0.00 ? 113 ARG A CA   1 
ATOM 353 C C    . ARG A 1 24 ? 3.727   -6.335  4.386   1.00 0.00 ? 113 ARG A C    1 
ATOM 354 O O    . ARG A 1 24 ? 2.891   -5.438  4.271   1.00 0.00 ? 113 ARG A O    1 
ATOM 355 C CB   . ARG A 1 24 ? 4.564   -7.691  6.351   1.00 0.00 ? 113 ARG A CB   1 
ATOM 356 C CG   . ARG A 1 24 ? 3.174   -7.829  6.985   1.00 0.00 ? 113 ARG A CG   1 
ATOM 357 C CD   . ARG A 1 24 ? 3.058   -9.189  7.676   1.00 0.00 ? 113 ARG A CD   1 
ATOM 358 N NE   . ARG A 1 24 ? 1.830   -9.267  8.478   1.00 0.00 ? 113 ARG A NE   1 
ATOM 359 C CZ   . ARG A 1 24 ? 1.416   -10.393 9.083   1.00 0.00 ? 113 ARG A CZ   1 
ATOM 360 N NH1  . ARG A 1 24 ? 2.107   -11.533 8.936   1.00 0.00 ? 113 ARG A NH1  1 
ATOM 361 N NH2  . ARG A 1 24 ? 0.311   -10.374 9.837   1.00 0.00 ? 113 ARG A NH2  1 
ATOM 362 H H    . ARG A 1 24 ? 3.423   -4.887  6.473   1.00 0.00 ? 113 ARG A H    1 
ATOM 363 H HA   . ARG A 1 24 ? 5.696   -6.245  5.226   1.00 0.00 ? 113 ARG A HA   1 
ATOM 364 H HB2  . ARG A 1 24 ? 4.733   -8.521  5.664   1.00 0.00 ? 113 ARG A HB2  1 
ATOM 365 H HB3  . ARG A 1 24 ? 5.322   -7.717  7.136   1.00 0.00 ? 113 ARG A HB3  1 
ATOM 366 H HG2  . ARG A 1 24 ? 3.030   -7.037  7.719   1.00 0.00 ? 113 ARG A HG2  1 
ATOM 367 H HG3  . ARG A 1 24 ? 2.409   -7.750  6.213   1.00 0.00 ? 113 ARG A HG3  1 
ATOM 368 H HD2  . ARG A 1 24 ? 3.046   -9.974  6.918   1.00 0.00 ? 113 ARG A HD2  1 
ATOM 369 H HD3  . ARG A 1 24 ? 3.921   -9.334  8.329   1.00 0.00 ? 113 ARG A HD3  1 
ATOM 370 H HE   . ARG A 1 24 ? 1.278   -8.424  8.574   1.00 0.00 ? 113 ARG A HE   1 
ATOM 371 H HH11 . ARG A 1 24 ? 2.946   -11.545 8.376   1.00 0.00 ? 113 ARG A HH11 1 
ATOM 372 H HH12 . ARG A 1 24 ? 1.789   -12.379 9.386   1.00 0.00 ? 113 ARG A HH12 1 
ATOM 373 H HH21 . ARG A 1 24 ? -0.178  -9.498  9.994   1.00 0.00 ? 113 ARG A HH21 1 
ATOM 374 H HH22 . ARG A 1 24 ? -0.037  -11.227 10.248  1.00 0.00 ? 113 ARG A HH22 1 
ATOM 375 N N    . THR A 1 25 ? 3.868   -7.327  3.495   1.00 0.00 ? 114 THR A N    1 
ATOM 376 C CA   . THR A 1 25 ? 3.050   -7.436  2.293   1.00 0.00 ? 114 THR A CA   1 
ATOM 377 C C    . THR A 1 25 ? 2.294   -8.777  2.318   1.00 0.00 ? 114 THR A C    1 
ATOM 378 O O    . THR A 1 25 ? 2.799   -9.776  1.807   1.00 0.00 ? 114 THR A O    1 
ATOM 379 C CB   . THR A 1 25 ? 3.973   -7.338  1.067   1.00 0.00 ? 114 THR A CB   1 
ATOM 380 O OG1  . THR A 1 25 ? 4.928   -6.318  1.276   1.00 0.00 ? 114 THR A OG1  1 
ATOM 381 C CG2  . THR A 1 25 ? 3.152   -7.002  -0.175  1.00 0.00 ? 114 THR A CG2  1 
ATOM 382 H H    . THR A 1 25 ? 4.572   -8.033  3.650   1.00 0.00 ? 114 THR A H    1 
ATOM 383 H HA   . THR A 1 25 ? 2.337   -6.615  2.261   1.00 0.00 ? 114 THR A HA   1 
ATOM 384 H HB   . THR A 1 25 ? 4.487   -8.287  0.918   1.00 0.00 ? 114 THR A HB   1 
ATOM 385 H HG1  . THR A 1 25 ? 5.498   -6.271  0.504   1.00 0.00 ? 114 THR A HG1  1 
ATOM 386 H HG21 . THR A 1 25 ? 2.301   -7.679  -0.246  1.00 0.00 ? 114 THR A HG21 1 
ATOM 387 H HG22 . THR A 1 25 ? 2.795   -5.976  -0.104  1.00 0.00 ? 114 THR A HG22 1 
ATOM 388 H HG23 . THR A 1 25 ? 3.776   -7.107  -1.062  1.00 0.00 ? 114 THR A HG23 1 
ATOM 389 N N    . PRO A 1 26 ? 1.085   -8.809  2.924   1.00 0.00 ? 115 PRO A N    1 
ATOM 390 C CA   . PRO A 1 26 ? 0.309   -10.028 3.056   1.00 0.00 ? 115 PRO A CA   1 
ATOM 391 C C    . PRO A 1 26 ? -0.141  -10.558 1.691   1.00 0.00 ? 115 PRO A C    1 
ATOM 392 O O    . PRO A 1 26 ? 0.389   -11.562 1.215   1.00 0.00 ? 115 PRO A O    1 
ATOM 393 C CB   . PRO A 1 26 ? -0.885  -9.669  3.951   1.00 0.00 ? 115 PRO A CB   1 
ATOM 394 C CG   . PRO A 1 26 ? -0.853  -8.149  4.144   1.00 0.00 ? 115 PRO A CG   1 
ATOM 395 C CD   . PRO A 1 26 ? 0.450   -7.651  3.517   1.00 0.00 ? 115 PRO A CD   1 
ATOM 396 H HA   . PRO A 1 26 ? 0.914   -10.787 3.553   1.00 0.00 ? 115 PRO A HA   1 
ATOM 397 H HB2  . PRO A 1 26 ? -1.821  -9.968  3.478   1.00 0.00 ? 115 PRO A HB2  1 
ATOM 398 H HB3  . PRO A 1 26 ? -0.784  -10.166 4.917   1.00 0.00 ? 115 PRO A HB3  1 
ATOM 399 H HG2  . PRO A 1 26 ? -1.706  -7.692  3.642   1.00 0.00 ? 115 PRO A HG2  1 
ATOM 400 H HG3  . PRO A 1 26 ? -0.874  -7.906  5.207   1.00 0.00 ? 115 PRO A HG3  1 
ATOM 401 H HD2  . PRO A 1 26 ? 0.232   -6.909  2.753   1.00 0.00 ? 115 PRO A HD2  1 
ATOM 402 H HD3  . PRO A 1 26 ? 1.090   -7.222  4.286   1.00 0.00 ? 115 PRO A HD3  1 
ATOM 403 N N    . ALA A 1 27 ? -1.128  -9.898  1.064   1.00 0.00 ? 116 ALA A N    1 
ATOM 404 C CA   . ALA A 1 27 ? -1.662  -10.354 -0.215  1.00 0.00 ? 116 ALA A CA   1 
ATOM 405 C C    . ALA A 1 27 ? -2.370  -9.219  -0.956  1.00 0.00 ? 116 ALA A C    1 
ATOM 406 O O    . ALA A 1 27 ? -2.261  -9.125  -2.170  1.00 0.00 ? 116 ALA A O    1 
ATOM 407 C CB   . ALA A 1 27 ? -2.635  -11.509 0.033   1.00 0.00 ? 116 ALA A CB   1 
ATOM 408 H H    . ALA A 1 27 ? -1.522  -9.069  1.485   1.00 0.00 ? 116 ALA A H    1 
ATOM 409 H HA   . ALA A 1 27 ? -0.842  -10.714 -0.834  1.00 0.00 ? 116 ALA A HA   1 
ATOM 410 H HB1  . ALA A 1 27 ? -3.446  -11.171 0.679   1.00 0.00 ? 116 ALA A HB1  1 
ATOM 411 H HB2  . ALA A 1 27 ? -3.045  -11.849 -0.917  1.00 0.00 ? 116 ALA A HB2  1 
ATOM 412 H HB3  . ALA A 1 27 ? -2.108  -12.333 0.515   1.00 0.00 ? 116 ALA A HB3  1 
ATOM 413 N N    . VAL A 1 28 ? -3.102  -8.366  -0.225  1.00 0.00 ? 117 VAL A N    1 
ATOM 414 C CA   . VAL A 1 28 ? -3.848  -7.258  -0.824  1.00 0.00 ? 117 VAL A CA   1 
ATOM 415 C C    . VAL A 1 28 ? -2.951  -6.454  -1.773  1.00 0.00 ? 117 VAL A C    1 
ATOM 416 O O    . VAL A 1 28 ? -3.296  -6.252  -2.936  1.00 0.00 ? 117 VAL A O    1 
ATOM 417 C CB   . VAL A 1 28 ? -4.400  -6.360  0.295   1.00 0.00 ? 117 VAL A CB   1 
ATOM 418 C CG1  . VAL A 1 28 ? -5.074  -5.126  -0.312  1.00 0.00 ? 117 VAL A CG1  1 
ATOM 419 C CG2  . VAL A 1 28 ? -5.427  -7.139  1.125   1.00 0.00 ? 117 VAL A CG2  1 
ATOM 420 H H    . VAL A 1 28 ? -3.154  -8.487  0.775   1.00 0.00 ? 117 VAL A H    1 
ATOM 421 H HA   . VAL A 1 28 ? -4.685  -7.666  -1.394  1.00 0.00 ? 117 VAL A HA   1 
ATOM 422 H HB   . VAL A 1 28 ? -3.582  -6.040  0.943   1.00 0.00 ? 117 VAL A HB   1 
ATOM 423 H HG11 . VAL A 1 28 ? -5.805  -5.440  -1.056  1.00 0.00 ? 117 VAL A HG11 1 
ATOM 424 H HG12 . VAL A 1 28 ? -5.576  -4.563  0.475   1.00 0.00 ? 117 VAL A HG12 1 
ATOM 425 H HG13 . VAL A 1 28 ? -4.325  -4.492  -0.784  1.00 0.00 ? 117 VAL A HG13 1 
ATOM 426 H HG21 . VAL A 1 28 ? -6.224  -7.498  0.474   1.00 0.00 ? 117 VAL A HG21 1 
ATOM 427 H HG22 . VAL A 1 28 ? -4.942  -7.987  1.607   1.00 0.00 ? 117 VAL A HG22 1 
ATOM 428 H HG23 . VAL A 1 28 ? -5.850  -6.484  1.888   1.00 0.00 ? 117 VAL A HG23 1 
ATOM 429 N N    . ILE A 1 29 ? -1.804  -5.997  -1.266  1.00 0.00 ? 118 ILE A N    1 
ATOM 430 C CA   . ILE A 1 29 ? -0.866  -5.203  -2.047  1.00 0.00 ? 118 ILE A CA   1 
ATOM 431 C C    . ILE A 1 29 ? -0.403  -5.986  -3.278  1.00 0.00 ? 118 ILE A C    1 
ATOM 432 O O    . ILE A 1 29 ? -0.422  -5.461  -4.385  1.00 0.00 ? 118 ILE A O    1 
ATOM 433 C CB   . ILE A 1 29 ? 0.322   -4.828  -1.151  1.00 0.00 ? 118 ILE A CB   1 
ATOM 434 C CG1  . ILE A 1 29 ? -0.137  -3.826  -0.081  1.00 0.00 ? 118 ILE A CG1  1 
ATOM 435 C CG2  . ILE A 1 29 ? 1.441   -4.200  -1.991  1.00 0.00 ? 118 ILE A CG2  1 
ATOM 436 C CD1  . ILE A 1 29 ? 0.636   -4.066  1.215   1.00 0.00 ? 118 ILE A CD1  1 
ATOM 437 H H    . ILE A 1 29 ? -1.571  -6.200  -0.305  1.00 0.00 ? 118 ILE A H    1 
ATOM 438 H HA   . ILE A 1 29 ? -1.364  -4.289  -2.377  1.00 0.00 ? 118 ILE A HA   1 
ATOM 439 H HB   . ILE A 1 29 ? 0.697   -5.728  -0.666  1.00 0.00 ? 118 ILE A HB   1 
ATOM 440 H HG12 . ILE A 1 29 ? 0.043   -2.809  -0.431  1.00 0.00 ? 118 ILE A HG12 1 
ATOM 441 H HG13 . ILE A 1 29 ? -1.202  -3.958  0.109   1.00 0.00 ? 118 ILE A HG13 1 
ATOM 442 H HG21 . ILE A 1 29 ? 1.036   -3.383  -2.588  1.00 0.00 ? 118 ILE A HG21 1 
ATOM 443 H HG22 . ILE A 1 29 ? 2.218   -3.816  -1.333  1.00 0.00 ? 118 ILE A HG22 1 
ATOM 444 H HG23 . ILE A 1 29 ? 1.871   -4.953  -2.652  1.00 0.00 ? 118 ILE A HG23 1 
ATOM 445 H HD11 . ILE A 1 29 ? 1.705   -4.017  1.017   1.00 0.00 ? 118 ILE A HD11 1 
ATOM 446 H HD12 . ILE A 1 29 ? 0.366   -3.303  1.945   1.00 0.00 ? 118 ILE A HD12 1 
ATOM 447 H HD13 . ILE A 1 29 ? 0.386   -5.047  1.609   1.00 0.00 ? 118 ILE A HD13 1 
ATOM 448 N N    . LYS A 1 30 ? 0.015   -7.242  -3.077  1.00 0.00 ? 119 LYS A N    1 
ATOM 449 C CA   . LYS A 1 30 ? 0.500   -8.087  -4.164  1.00 0.00 ? 119 LYS A CA   1 
ATOM 450 C C    . LYS A 1 30 ? -0.568  -8.227  -5.253  1.00 0.00 ? 119 LYS A C    1 
ATOM 451 O O    . LYS A 1 30 ? -0.257  -8.138  -6.437  1.00 0.00 ? 119 LYS A O    1 
ATOM 452 C CB   . LYS A 1 30 ? 0.887   -9.459  -3.600  1.00 0.00 ? 119 LYS A CB   1 
ATOM 453 C CG   . LYS A 1 30 ? 2.231   -9.353  -2.865  1.00 0.00 ? 119 LYS A CG   1 
ATOM 454 C CD   . LYS A 1 30 ? 2.208   -10.202 -1.587  1.00 0.00 ? 119 LYS A CD   1 
ATOM 455 C CE   . LYS A 1 30 ? 2.051   -11.685 -1.939  1.00 0.00 ? 119 LYS A CE   1 
ATOM 456 N NZ   . LYS A 1 30 ? 2.118   -12.523 -0.727  1.00 0.00 ? 119 LYS A NZ   1 
ATOM 457 H H    . LYS A 1 30 ? 0.002   -7.627  -2.145  1.00 0.00 ? 119 LYS A H    1 
ATOM 458 H HA   . LYS A 1 30 ? 1.386   -7.624  -4.603  1.00 0.00 ? 119 LYS A HA   1 
ATOM 459 H HB2  . LYS A 1 30 ? 0.116   -9.796  -2.910  1.00 0.00 ? 119 LYS A HB2  1 
ATOM 460 H HB3  . LYS A 1 30 ? 0.978   -10.176 -4.417  1.00 0.00 ? 119 LYS A HB3  1 
ATOM 461 H HG2  . LYS A 1 30 ? 3.030   -9.704  -3.520  1.00 0.00 ? 119 LYS A HG2  1 
ATOM 462 H HG3  . LYS A 1 30 ? 2.416   -8.313  -2.599  1.00 0.00 ? 119 LYS A HG3  1 
ATOM 463 H HD2  . LYS A 1 30 ? 3.144   -10.059 -1.045  1.00 0.00 ? 119 LYS A HD2  1 
ATOM 464 H HD3  . LYS A 1 30 ? 1.376   -9.888  -0.956  1.00 0.00 ? 119 LYS A HD3  1 
ATOM 465 H HE2  . LYS A 1 30 ? 1.088   -11.841 -2.427  1.00 0.00 ? 119 LYS A HE2  1 
ATOM 466 H HE3  . LYS A 1 30 ? 2.849   -11.980 -2.622  1.00 0.00 ? 119 LYS A HE3  1 
ATOM 467 H HZ1  . LYS A 1 30 ? 1.394   -12.235 -0.076  1.00 0.00 ? 119 LYS A HZ1  1 
ATOM 468 H HZ2  . LYS A 1 30 ? 1.979   -13.490 -0.978  1.00 0.00 ? 119 LYS A HZ2  1 
ATOM 469 H HZ3  . LYS A 1 30 ? 3.022   -12.413 -0.292  1.00 0.00 ? 119 LYS A HZ3  1 
ATOM 470 N N    . LYS A 1 31 ? -1.822  -8.445  -4.847  1.00 0.00 ? 120 LYS A N    1 
ATOM 471 C CA   . LYS A 1 31 ? -2.923  -8.594  -5.784  1.00 0.00 ? 120 LYS A CA   1 
ATOM 472 C C    . LYS A 1 31 ? -3.087  -7.311  -6.595  1.00 0.00 ? 120 LYS A C    1 
ATOM 473 O O    . LYS A 1 31 ? -3.080  -7.348  -7.821  1.00 0.00 ? 120 LYS A O    1 
ATOM 474 C CB   . LYS A 1 31 ? -4.206  -8.925  -5.010  1.00 0.00 ? 120 LYS A CB   1 
ATOM 475 C CG   . LYS A 1 31 ? -5.401  -8.955  -5.967  1.00 0.00 ? 120 LYS A CG   1 
ATOM 476 C CD   . LYS A 1 31 ? -6.653  -9.416  -5.217  1.00 0.00 ? 120 LYS A CD   1 
ATOM 477 C CE   . LYS A 1 31 ? -7.854  -9.433  -6.170  1.00 0.00 ? 120 LYS A CE   1 
ATOM 478 N NZ   . LYS A 1 31 ? -8.258  -8.067  -6.550  1.00 0.00 ? 120 LYS A NZ   1 
ATOM 479 H H    . LYS A 1 31 ? -2.023  -8.509  -3.860  1.00 0.00 ? 120 LYS A H    1 
ATOM 480 H HA   . LYS A 1 31 ? -2.699  -9.417  -6.465  1.00 0.00 ? 120 LYS A HA   1 
ATOM 481 H HB2  . LYS A 1 31 ? -4.098  -9.900  -4.534  1.00 0.00 ? 120 LYS A HB2  1 
ATOM 482 H HB3  . LYS A 1 31 ? -4.376  -8.168  -4.245  1.00 0.00 ? 120 LYS A HB3  1 
ATOM 483 H HG2  . LYS A 1 31 ? -5.566  -7.956  -6.368  1.00 0.00 ? 120 LYS A HG2  1 
ATOM 484 H HG3  . LYS A 1 31 ? -5.193  -9.644  -6.787  1.00 0.00 ? 120 LYS A HG3  1 
ATOM 485 H HD2  . LYS A 1 31 ? -6.491  -10.420 -4.824  1.00 0.00 ? 120 LYS A HD2  1 
ATOM 486 H HD3  . LYS A 1 31 ? -6.855  -8.733  -4.390  1.00 0.00 ? 120 LYS A HD3  1 
ATOM 487 H HE2  . LYS A 1 31 ? -7.591  -9.992  -7.070  1.00 0.00 ? 120 LYS A HE2  1 
ATOM 488 H HE3  . LYS A 1 31 ? -8.693  -9.927  -5.677  1.00 0.00 ? 120 LYS A HE3  1 
ATOM 489 H HZ1  . LYS A 1 31 ? -7.483  -7.595  -7.002  1.00 0.00 ? 120 LYS A HZ1  1 
ATOM 490 H HZ2  . LYS A 1 31 ? -9.037  -8.112  -7.190  1.00 0.00 ? 120 LYS A HZ2  1 
ATOM 491 H HZ3  . LYS A 1 31 ? -8.531  -7.551  -5.721  1.00 0.00 ? 120 LYS A HZ3  1 
ATOM 492 N N    . ALA A 1 32 ? -3.233  -6.175  -5.904  1.00 0.00 ? 121 ALA A N    1 
ATOM 493 C CA   . ALA A 1 32 ? -3.407  -4.885  -6.559  1.00 0.00 ? 121 ALA A CA   1 
ATOM 494 C C    . ALA A 1 32 ? -2.228  -4.595  -7.494  1.00 0.00 ? 121 ALA A C    1 
ATOM 495 O O    . ALA A 1 32 ? -2.412  -4.020  -8.566  1.00 0.00 ? 121 ALA A O    1 
ATOM 496 C CB   . ALA A 1 32 ? -3.532  -3.796  -5.493  1.00 0.00 ? 121 ALA A CB   1 
ATOM 497 H H    . ALA A 1 32 ? -3.226  -6.201  -4.891  1.00 0.00 ? 121 ALA A H    1 
ATOM 498 H HA   . ALA A 1 32 ? -4.325  -4.909  -7.148  1.00 0.00 ? 121 ALA A HA   1 
ATOM 499 H HB1  . ALA A 1 32 ? -2.659  -3.822  -4.842  1.00 0.00 ? 121 ALA A HB1  1 
ATOM 500 H HB2  . ALA A 1 32 ? -3.597  -2.820  -5.974  1.00 0.00 ? 121 ALA A HB2  1 
ATOM 501 H HB3  . ALA A 1 32 ? -4.431  -3.969  -4.900  1.00 0.00 ? 121 ALA A HB3  1 
ATOM 502 N N    . MET A 1 33 ? -1.017  -4.993  -7.086  1.00 0.00 ? 122 MET A N    1 
ATOM 503 C CA   . MET A 1 33 ? 0.180   -4.769  -7.879  1.00 0.00 ? 122 MET A CA   1 
ATOM 504 C C    . MET A 1 33 ? 0.117   -5.592  -9.166  1.00 0.00 ? 122 MET A C    1 
ATOM 505 O O    . MET A 1 33 ? 0.374   -5.072  -10.247 1.00 0.00 ? 122 MET A O    1 
ATOM 506 C CB   . MET A 1 33 ? 1.413   -5.148  -7.050  1.00 0.00 ? 122 MET A CB   1 
ATOM 507 C CG   . MET A 1 33 ? 2.689   -4.756  -7.802  1.00 0.00 ? 122 MET A CG   1 
ATOM 508 S SD   . MET A 1 33 ? 4.209   -4.978  -6.840  1.00 0.00 ? 122 MET A SD   1 
ATOM 509 C CE   . MET A 1 33 ? 4.202   -6.782  -6.681  1.00 0.00 ? 122 MET A CE   1 
ATOM 510 H H    . MET A 1 33 ? -0.919  -5.465  -6.196  1.00 0.00 ? 122 MET A H    1 
ATOM 511 H HA   . MET A 1 33 ? 0.238   -3.711  -8.135  1.00 0.00 ? 122 MET A HA   1 
ATOM 512 H HB2  . MET A 1 33 ? 1.383   -4.621  -6.096  1.00 0.00 ? 122 MET A HB2  1 
ATOM 513 H HB3  . MET A 1 33 ? 1.413   -6.221  -6.869  1.00 0.00 ? 122 MET A HB3  1 
ATOM 514 H HG2  . MET A 1 33 ? 2.762   -5.359  -8.707  1.00 0.00 ? 122 MET A HG2  1 
ATOM 515 H HG3  . MET A 1 33 ? 2.616   -3.708  -8.087  1.00 0.00 ? 122 MET A HG3  1 
ATOM 516 H HE1  . MET A 1 33 ? 4.147   -7.233  -7.672  1.00 0.00 ? 122 MET A HE1  1 
ATOM 517 H HE2  . MET A 1 33 ? 5.116   -7.105  -6.185  1.00 0.00 ? 122 MET A HE2  1 
ATOM 518 H HE3  . MET A 1 33 ? 3.341   -7.092  -6.091  1.00 0.00 ? 122 MET A HE3  1 
ATOM 519 N N    . ASP A 1 34 ? -0.223  -6.876  -9.044  1.00 0.00 ? 123 ASP A N    1 
ATOM 520 C CA   . ASP A 1 34 ? -0.303  -7.766  -10.192 1.00 0.00 ? 123 ASP A CA   1 
ATOM 521 C C    . ASP A 1 34 ? -1.393  -7.291  -11.156 1.00 0.00 ? 123 ASP A C    1 
ATOM 522 O O    . ASP A 1 34 ? -1.166  -7.220  -12.362 1.00 0.00 ? 123 ASP A O    1 
ATOM 523 C CB   . ASP A 1 34 ? -0.592  -9.188  -9.701  1.00 0.00 ? 123 ASP A CB   1 
ATOM 524 C CG   . ASP A 1 34 ? -0.662  -10.163 -10.870 1.00 0.00 ? 123 ASP A CG   1 
ATOM 525 O OD1  . ASP A 1 34 ? 0.424   -10.542 -11.357 1.00 0.00 ? 123 ASP A OD1  1 
ATOM 526 O OD2  . ASP A 1 34 ? -1.800  -10.510 -11.252 1.00 0.00 ? 123 ASP A OD2  1 
ATOM 527 H H    . ASP A 1 34 ? -0.429  -7.255  -8.128  1.00 0.00 ? 123 ASP A H    1 
ATOM 528 H HA   . ASP A 1 34 ? 0.655   -7.758  -10.712 1.00 0.00 ? 123 ASP A HA   1 
ATOM 529 H HB2  . ASP A 1 34 ? 0.202   -9.500  -9.023  1.00 0.00 ? 123 ASP A HB2  1 
ATOM 530 H HB3  . ASP A 1 34 ? -1.543  -9.199  -9.168  1.00 0.00 ? 123 ASP A HB3  1 
ATOM 531 N N    . GLU A 1 35 ? -2.574  -6.970  -10.618 1.00 0.00 ? 124 GLU A N    1 
ATOM 532 C CA   . GLU A 1 35 ? -3.699  -6.521  -11.424 1.00 0.00 ? 124 GLU A CA   1 
ATOM 533 C C    . GLU A 1 35 ? -3.370  -5.203  -12.127 1.00 0.00 ? 124 GLU A C    1 
ATOM 534 O O    . GLU A 1 35 ? -3.695  -5.039  -13.303 1.00 0.00 ? 124 GLU A O    1 
ATOM 535 C CB   . GLU A 1 35 ? -4.930  -6.359  -10.527 1.00 0.00 ? 124 GLU A CB   1 
ATOM 536 C CG   . GLU A 1 35 ? -5.456  -7.739  -10.116 1.00 0.00 ? 124 GLU A CG   1 
ATOM 537 C CD   . GLU A 1 35 ? -6.646  -7.615  -9.173  1.00 0.00 ? 124 GLU A CD   1 
ATOM 538 O OE1  . GLU A 1 35 ? -6.573  -6.755  -8.268  1.00 0.00 ? 124 GLU A OE1  1 
ATOM 539 O OE2  . GLU A 1 35 ? -7.611  -8.383  -9.367  1.00 0.00 ? 124 GLU A OE2  1 
ATOM 540 H H    . GLU A 1 35 ? -2.701  -7.043  -9.618  1.00 0.00 ? 124 GLU A H    1 
ATOM 541 H HA   . GLU A 1 35 ? -3.913  -7.277  -12.181 1.00 0.00 ? 124 GLU A HA   1 
ATOM 542 H HB2  . GLU A 1 35 ? -4.659  -5.791  -9.637  1.00 0.00 ? 124 GLU A HB2  1 
ATOM 543 H HB3  . GLU A 1 35 ? -5.709  -5.825  -11.074 1.00 0.00 ? 124 GLU A HB3  1 
ATOM 544 H HG2  . GLU A 1 35 ? -5.762  -8.285  -11.008 1.00 0.00 ? 124 GLU A HG2  1 
ATOM 545 H HG3  . GLU A 1 35 ? -4.662  -8.293  -9.615  1.00 0.00 ? 124 GLU A HG3  1 
ATOM 546 N N    . GLN A 1 36 ? -2.736  -4.261  -11.409 1.00 0.00 ? 125 GLN A N    1 
ATOM 547 C CA   . GLN A 1 36 ? -2.396  -2.959  -11.971 1.00 0.00 ? 125 GLN A CA   1 
ATOM 548 C C    . GLN A 1 36 ? -0.909  -2.659  -11.749 1.00 0.00 ? 125 GLN A C    1 
ATOM 549 O O    . GLN A 1 36 ? -0.113  -2.810  -12.671 1.00 0.00 ? 125 GLN A O    1 
ATOM 550 C CB   . GLN A 1 36 ? -3.298  -1.891  -11.328 1.00 0.00 ? 125 GLN A CB   1 
ATOM 551 C CG   . GLN A 1 36 ? -2.916  -0.487  -11.816 1.00 0.00 ? 125 GLN A CG   1 
ATOM 552 C CD   . GLN A 1 36 ? -3.103  -0.345  -13.326 1.00 0.00 ? 125 GLN A CD   1 
ATOM 553 O OE1  . GLN A 1 36 ? -4.139  0.129   -13.779 1.00 0.00 ? 125 GLN A OE1  1 
ATOM 554 N NE2  . GLN A 1 36 ? -2.096  -0.750  -14.102 1.00 0.00 ? 125 GLN A NE2  1 
ATOM 555 H H    . GLN A 1 36 ? -2.485  -4.448  -10.446 1.00 0.00 ? 125 GLN A H    1 
ATOM 556 H HA   . GLN A 1 36 ? -2.587  -2.978  -13.043 1.00 0.00 ? 125 GLN A HA   1 
ATOM 557 H HB2  . GLN A 1 36 ? -4.336  -2.091  -11.595 1.00 0.00 ? 125 GLN A HB2  1 
ATOM 558 H HB3  . GLN A 1 36 ? -3.195  -1.935  -10.244 1.00 0.00 ? 125 GLN A HB3  1 
ATOM 559 H HG2  . GLN A 1 36 ? -3.549  0.245   -11.312 1.00 0.00 ? 125 GLN A HG2  1 
ATOM 560 H HG3  . GLN A 1 36 ? -1.878  -0.285  -11.561 1.00 0.00 ? 125 GLN A HG3  1 
ATOM 561 H HE21 . GLN A 1 36 ? -1.261  -1.141  -13.687 1.00 0.00 ? 125 GLN A HE21 1 
ATOM 562 H HE22 . GLN A 1 36 ? -2.172  -0.668  -15.105 1.00 0.00 ? 125 GLN A HE22 1 
ATOM 563 N N    . GLY A 1 37 ? -0.551  -2.227  -10.526 1.00 0.00 ? 126 GLY A N    1 
ATOM 564 C CA   . GLY A 1 37 ? 0.828   -1.895  -10.160 1.00 0.00 ? 126 GLY A CA   1 
ATOM 565 C C    . GLY A 1 37 ? 1.568   -1.171  -11.290 1.00 0.00 ? 126 GLY A C    1 
ATOM 566 O O    . GLY A 1 37 ? 2.457   -1.750  -11.912 1.00 0.00 ? 126 GLY A O    1 
ATOM 567 H H    . GLY A 1 37 ? -1.260  -2.130  -9.815  1.00 0.00 ? 126 GLY A H    1 
ATOM 568 H HA2  . GLY A 1 37 ? 0.815   -1.254  -9.279  1.00 0.00 ? 126 GLY A HA2  1 
ATOM 569 H HA3  . GLY A 1 37 ? 1.363   -2.812  -9.922  1.00 0.00 ? 126 GLY A HA3  1 
ATOM 570 N N    . LYS A 1 38 ? 1.215   0.096   -11.548 1.00 0.00 ? 127 LYS A N    1 
ATOM 571 C CA   . LYS A 1 38 ? 1.882   0.877   -12.585 1.00 0.00 ? 127 LYS A CA   1 
ATOM 572 C C    . LYS A 1 38 ? 3.308   1.189   -12.137 1.00 0.00 ? 127 LYS A C    1 
ATOM 573 O O    . LYS A 1 38 ? 4.261   0.964   -12.882 1.00 0.00 ? 127 LYS A O    1 
ATOM 574 C CB   . LYS A 1 38 ? 1.112   2.178   -12.844 1.00 0.00 ? 127 LYS A CB   1 
ATOM 575 C CG   . LYS A 1 38 ? -0.308  1.861   -13.319 1.00 0.00 ? 127 LYS A CG   1 
ATOM 576 C CD   . LYS A 1 38 ? -1.040  3.153   -13.715 1.00 0.00 ? 127 LYS A CD   1 
ATOM 577 C CE   . LYS A 1 38 ? -1.095  4.137   -12.535 1.00 0.00 ? 127 LYS A CE   1 
ATOM 578 N NZ   . LYS A 1 38 ? -1.631  3.498   -11.317 1.00 0.00 ? 127 LYS A NZ   1 
ATOM 579 H H    . LYS A 1 38 ? 0.475   0.533   -11.010 1.00 0.00 ? 127 LYS A H    1 
ATOM 580 H HA   . LYS A 1 38 ? 1.916   0.294   -13.507 1.00 0.00 ? 127 LYS A HA   1 
ATOM 581 H HB2  . LYS A 1 38 ? 1.069   2.757   -11.926 1.00 0.00 ? 127 LYS A HB2  1 
ATOM 582 H HB3  . LYS A 1 38 ? 1.629   2.755   -13.611 1.00 0.00 ? 127 LYS A HB3  1 
ATOM 583 H HG2  . LYS A 1 38 ? -0.256  1.200   -14.185 1.00 0.00 ? 127 LYS A HG2  1 
ATOM 584 H HG3  . LYS A 1 38 ? -0.854  1.364   -12.523 1.00 0.00 ? 127 LYS A HG3  1 
ATOM 585 H HD2  . LYS A 1 38 ? -0.516  3.621   -14.549 1.00 0.00 ? 127 LYS A HD2  1 
ATOM 586 H HD3  . LYS A 1 38 ? -2.056  2.906   -14.026 1.00 0.00 ? 127 LYS A HD3  1 
ATOM 587 H HE2  . LYS A 1 38 ? -0.093  4.513   -12.331 1.00 0.00 ? 127 LYS A HE2  1 
ATOM 588 H HE3  . LYS A 1 38 ? -1.738  4.975   -12.806 1.00 0.00 ? 127 LYS A HE3  1 
ATOM 589 H HZ1  . LYS A 1 38 ? -2.533  3.093   -11.515 1.00 0.00 ? 127 LYS A HZ1  1 
ATOM 590 H HZ2  . LYS A 1 38 ? -0.995  2.770   -11.005 1.00 0.00 ? 127 LYS A HZ2  1 
ATOM 591 H HZ3  . LYS A 1 38 ? -1.725  4.190   -10.588 1.00 0.00 ? 127 LYS A HZ3  1 
ATOM 592 N N    . SER A 1 39 ? 3.441   1.710   -10.914 1.00 0.00 ? 128 SER A N    1 
ATOM 593 C CA   . SER A 1 39 ? 4.729   2.055   -10.341 1.00 0.00 ? 128 SER A CA   1 
ATOM 594 C C    . SER A 1 39 ? 4.634   1.953   -8.819  1.00 0.00 ? 128 SER A C    1 
ATOM 595 O O    . SER A 1 39 ? 3.594   1.573   -8.285  1.00 0.00 ? 128 SER A O    1 
ATOM 596 C CB   . SER A 1 39 ? 5.099   3.481   -10.775 1.00 0.00 ? 128 SER A CB   1 
ATOM 597 O OG   . SER A 1 39 ? 6.366   3.833   -10.260 1.00 0.00 ? 128 SER A OG   1 
ATOM 598 H H    . SER A 1 39 ? 2.613   1.876   -10.350 1.00 0.00 ? 128 SER A H    1 
ATOM 599 H HA   . SER A 1 39 ? 5.488   1.360   -10.701 1.00 0.00 ? 128 SER A HA   1 
ATOM 600 H HB2  . SER A 1 39 ? 5.126   3.534   -11.863 1.00 0.00 ? 128 SER A HB2  1 
ATOM 601 H HB3  . SER A 1 39 ? 4.349   4.180   -10.399 1.00 0.00 ? 128 SER A HB3  1 
ATOM 602 H HG   . SER A 1 39 ? 6.304   4.721   -9.872  1.00 0.00 ? 128 SER A HG   1 
ATOM 603 N N    . LEU A 1 40 ? 5.715   2.302   -8.120  1.00 0.00 ? 129 LEU A N    1 
ATOM 604 C CA   . LEU A 1 40 ? 5.724   2.286   -6.666  1.00 0.00 ? 129 LEU A CA   1 
ATOM 605 C C    . LEU A 1 40 ? 4.741   3.338   -6.153  1.00 0.00 ? 129 LEU A C    1 
ATOM 606 O O    . LEU A 1 40 ? 4.183   3.191   -5.068  1.00 0.00 ? 129 LEU A O    1 
ATOM 607 C CB   . LEU A 1 40 ? 7.141   2.577   -6.151  1.00 0.00 ? 129 LEU A CB   1 
ATOM 608 C CG   . LEU A 1 40 ? 8.138   1.531   -6.680  1.00 0.00 ? 129 LEU A CG   1 
ATOM 609 C CD1  . LEU A 1 40 ? 9.542   1.881   -6.183  1.00 0.00 ? 129 LEU A CD1  1 
ATOM 610 C CD2  . LEU A 1 40 ? 7.759   0.132   -6.180  1.00 0.00 ? 129 LEU A CD2  1 
ATOM 611 H H    . LEU A 1 40 ? 6.550   2.599   -8.606  1.00 0.00 ? 129 LEU A H    1 
ATOM 612 H HA   . LEU A 1 40 ? 5.406   1.305   -6.314  1.00 0.00 ? 129 LEU A HA   1 
ATOM 613 H HB2  . LEU A 1 40 ? 7.447   3.568   -6.487  1.00 0.00 ? 129 LEU A HB2  1 
ATOM 614 H HB3  . LEU A 1 40 ? 7.138   2.553   -5.061  1.00 0.00 ? 129 LEU A HB3  1 
ATOM 615 H HG   . LEU A 1 40 ? 8.134   1.538   -7.769  1.00 0.00 ? 129 LEU A HG   1 
ATOM 616 H HD11 . LEU A 1 40 ? 9.812   2.881   -6.526  1.00 0.00 ? 129 LEU A HD11 1 
ATOM 617 H HD12 . LEU A 1 40 ? 9.561   1.855   -5.093  1.00 0.00 ? 129 LEU A HD12 1 
ATOM 618 H HD13 . LEU A 1 40 ? 10.259  1.158   -6.576  1.00 0.00 ? 129 LEU A HD13 1 
ATOM 619 H HD21 . LEU A 1 40 ? 7.550   0.170   -5.111  1.00 0.00 ? 129 LEU A HD21 1 
ATOM 620 H HD22 . LEU A 1 40 ? 6.875   -0.219  -6.711  1.00 0.00 ? 129 LEU A HD22 1 
ATOM 621 H HD23 . LEU A 1 40 ? 8.585   -0.555  -6.363  1.00 0.00 ? 129 LEU A HD23 1 
ATOM 622 N N    . ASP A 1 41 ? 4.535   4.396   -6.952  1.00 0.00 ? 130 ASP A N    1 
ATOM 623 C CA   . ASP A 1 41 ? 3.628   5.487   -6.619  1.00 0.00 ? 130 ASP A CA   1 
ATOM 624 C C    . ASP A 1 41 ? 2.216   4.965   -6.339  1.00 0.00 ? 130 ASP A C    1 
ATOM 625 O O    . ASP A 1 41 ? 1.471   5.582   -5.579  1.00 0.00 ? 130 ASP A O    1 
ATOM 626 C CB   . ASP A 1 41 ? 3.598   6.475   -7.791  1.00 0.00 ? 130 ASP A CB   1 
ATOM 627 C CG   . ASP A 1 41 ? 5.006   6.899   -8.191  1.00 0.00 ? 130 ASP A CG   1 
ATOM 628 O OD1  . ASP A 1 41 ? 5.673   6.086   -8.872  1.00 0.00 ? 130 ASP A OD1  1 
ATOM 629 O OD2  . ASP A 1 41 ? 5.388   8.028   -7.812  1.00 0.00 ? 130 ASP A OD2  1 
ATOM 630 H H    . ASP A 1 41 ? 5.031   4.453   -7.833  1.00 0.00 ? 130 ASP A H    1 
ATOM 631 H HA   . ASP A 1 41 ? 4.002   6.000   -5.733  1.00 0.00 ? 130 ASP A HA   1 
ATOM 632 H HB2  . ASP A 1 41 ? 3.113   6.002   -8.645  1.00 0.00 ? 130 ASP A HB2  1 
ATOM 633 H HB3  . ASP A 1 41 ? 3.027   7.356   -7.500  1.00 0.00 ? 130 ASP A HB3  1 
ATOM 634 N N    . ASP A 1 42 ? 1.847   3.832   -6.954  1.00 0.00 ? 131 ASP A N    1 
ATOM 635 C CA   . ASP A 1 42 ? 0.526   3.240   -6.774  1.00 0.00 ? 131 ASP A CA   1 
ATOM 636 C C    . ASP A 1 42 ? 0.261   2.953   -5.292  1.00 0.00 ? 131 ASP A C    1 
ATOM 637 O O    . ASP A 1 42 ? -0.893  2.928   -4.869  1.00 0.00 ? 131 ASP A O    1 
ATOM 638 C CB   . ASP A 1 42 ? 0.428   1.940   -7.587  1.00 0.00 ? 131 ASP A CB   1 
ATOM 639 C CG   . ASP A 1 42 ? 0.461   2.207   -9.090  1.00 0.00 ? 131 ASP A CG   1 
ATOM 640 O OD1  . ASP A 1 42 ? 1.344   2.979   -9.518  1.00 0.00 ? 131 ASP A OD1  1 
ATOM 641 O OD2  . ASP A 1 42 ? -0.403  1.631   -9.794  1.00 0.00 ? 131 ASP A OD2  1 
ATOM 642 H H    . ASP A 1 42 ? 2.497   3.363   -7.573  1.00 0.00 ? 131 ASP A H    1 
ATOM 643 H HA   . ASP A 1 42 ? -0.229  3.940   -7.136  1.00 0.00 ? 131 ASP A HA   1 
ATOM 644 H HB2  . ASP A 1 42 ? 1.260   1.289   -7.323  1.00 0.00 ? 131 ASP A HB2  1 
ATOM 645 H HB3  . ASP A 1 42 ? -0.507  1.437   -7.339  1.00 0.00 ? 131 ASP A HB3  1 
ATOM 646 N N    . PHE A 1 43 ? 1.332   2.730   -4.511  1.00 0.00 ? 132 PHE A N    1 
ATOM 647 C CA   . PHE A 1 43 ? 1.211   2.407   -3.094  1.00 0.00 ? 132 PHE A CA   1 
ATOM 648 C C    . PHE A 1 43 ? 1.851   3.499   -2.230  1.00 0.00 ? 132 PHE A C    1 
ATOM 649 O O    . PHE A 1 43 ? 1.275   3.899   -1.224  1.00 0.00 ? 132 PHE A O    1 
ATOM 650 C CB   . PHE A 1 43 ? 1.868   1.050   -2.849  1.00 0.00 ? 132 PHE A CB   1 
ATOM 651 C CG   . PHE A 1 43 ? 1.196   -0.073  -3.607  1.00 0.00 ? 132 PHE A CG   1 
ATOM 652 C CD1  . PHE A 1 43 ? -0.078  -0.520  -3.217  1.00 0.00 ? 132 PHE A CD1  1 
ATOM 653 C CD2  . PHE A 1 43 ? 1.839   -0.661  -4.712  1.00 0.00 ? 132 PHE A CD2  1 
ATOM 654 C CE1  . PHE A 1 43 ? -0.709  -1.553  -3.927  1.00 0.00 ? 132 PHE A CE1  1 
ATOM 655 C CE2  . PHE A 1 43 ? 1.207   -1.695  -5.422  1.00 0.00 ? 132 PHE A CE2  1 
ATOM 656 C CZ   . PHE A 1 43 ? -0.066  -2.141  -5.030  1.00 0.00 ? 132 PHE A CZ   1 
ATOM 657 H H    . PHE A 1 43 ? 2.260   2.776   -4.912  1.00 0.00 ? 132 PHE A H    1 
ATOM 658 H HA   . PHE A 1 43 ? 0.156   2.334   -2.833  1.00 0.00 ? 132 PHE A HA   1 
ATOM 659 H HB2  . PHE A 1 43 ? 2.908   1.104   -3.157  1.00 0.00 ? 132 PHE A HB2  1 
ATOM 660 H HB3  . PHE A 1 43 ? 1.830   0.826   -1.784  1.00 0.00 ? 132 PHE A HB3  1 
ATOM 661 H HD1  . PHE A 1 43 ? -0.574  -0.066  -2.372  1.00 0.00 ? 132 PHE A HD1  1 
ATOM 662 H HD2  . PHE A 1 43 ? 2.816   -0.317  -5.018  1.00 0.00 ? 132 PHE A HD2  1 
ATOM 663 H HE1  . PHE A 1 43 ? -1.689  -1.895  -3.628  1.00 0.00 ? 132 PHE A HE1  1 
ATOM 664 H HE2  . PHE A 1 43 ? 1.699   -2.145  -6.271  1.00 0.00 ? 132 PHE A HE2  1 
ATOM 665 H HZ   . PHE A 1 43 ? -0.551  -2.933  -5.577  1.00 0.00 ? 132 PHE A HZ   1 
ATOM 666 N N    . LEU A 1 44 ? 3.038   3.984   -2.612  1.00 0.00 ? 133 LEU A N    1 
ATOM 667 C CA   . LEU A 1 44 ? 3.716   5.027   -1.855  1.00 0.00 ? 133 LEU A CA   1 
ATOM 668 C C    . LEU A 1 44 ? 3.132   6.386   -2.230  1.00 0.00 ? 133 LEU A C    1 
ATOM 669 O O    . LEU A 1 44 ? 3.034   6.713   -3.410  1.00 0.00 ? 133 LEU A O    1 
ATOM 670 C CB   . LEU A 1 44 ? 5.223   4.980   -2.147  1.00 0.00 ? 133 LEU A CB   1 
ATOM 671 C CG   . LEU A 1 44 ? 5.978   5.997   -1.272  1.00 0.00 ? 133 LEU A CG   1 
ATOM 672 C CD1  . LEU A 1 44 ? 5.725   5.715   0.215   1.00 0.00 ? 133 LEU A CD1  1 
ATOM 673 C CD2  . LEU A 1 44 ? 7.476   5.886   -1.552  1.00 0.00 ? 133 LEU A CD2  1 
ATOM 674 H H    . LEU A 1 44 ? 3.481   3.627   -3.446  1.00 0.00 ? 133 LEU A H    1 
ATOM 675 H HA   . LEU A 1 44 ? 3.554   4.848   -0.793  1.00 0.00 ? 133 LEU A HA   1 
ATOM 676 H HB2  . LEU A 1 44 ? 5.598   3.982   -1.940  1.00 0.00 ? 133 LEU A HB2  1 
ATOM 677 H HB3  . LEU A 1 44 ? 5.392   5.215   -3.199  1.00 0.00 ? 133 LEU A HB3  1 
ATOM 678 H HG   . LEU A 1 44 ? 5.642   7.006   -1.511  1.00 0.00 ? 133 LEU A HG   1 
ATOM 679 H HD11 . LEU A 1 44 ? 5.787   4.643   0.400   1.00 0.00 ? 133 LEU A HD11 1 
ATOM 680 H HD12 . LEU A 1 44 ? 6.476   6.230   0.813   1.00 0.00 ? 133 LEU A HD12 1 
ATOM 681 H HD13 . LEU A 1 44 ? 4.736   6.078   0.494   1.00 0.00 ? 133 LEU A HD13 1 
ATOM 682 H HD21 . LEU A 1 44 ? 7.661   6.043   -2.615  1.00 0.00 ? 133 LEU A HD21 1 
ATOM 683 H HD22 . LEU A 1 44 ? 8.011   6.640   -0.975  1.00 0.00 ? 133 LEU A HD22 1 
ATOM 684 H HD23 . LEU A 1 44 ? 7.827   4.894   -1.265  1.00 0.00 ? 133 LEU A HD23 1 
ATOM 685 N N    . ILE A 1 45 ? 2.745   7.178   -1.224  1.00 0.00 ? 134 ILE A N    1 
ATOM 686 C CA   . ILE A 1 45 ? 2.157   8.495   -1.451  1.00 0.00 ? 134 ILE A CA   1 
ATOM 687 C C    . ILE A 1 45 ? 3.253   9.531   -1.746  1.00 0.00 ? 134 ILE A C    1 
ATOM 688 O O    . ILE A 1 45 ? 3.255   10.609  -1.155  1.00 0.00 ? 134 ILE A O    1 
ATOM 689 C CB   . ILE A 1 45 ? 1.325   8.903   -0.221  1.00 0.00 ? 134 ILE A CB   1 
ATOM 690 C CG1  . ILE A 1 45 ? 2.169   8.769   1.061   1.00 0.00 ? 134 ILE A CG1  1 
ATOM 691 C CG2  . ILE A 1 45 ? 0.090   8.000   -0.119  1.00 0.00 ? 134 ILE A CG2  1 
ATOM 692 C CD1  . ILE A 1 45 ? 1.628   9.708   2.140   1.00 0.00 ? 134 ILE A CD1  1 
ATOM 693 H H    . ILE A 1 45 ? 2.856   6.864   -0.271  1.00 0.00 ? 134 ILE A H    1 
ATOM 694 H HA   . ILE A 1 45 ? 1.493   8.438   -2.315  1.00 0.00 ? 134 ILE A HA   1 
ATOM 695 H HB   . ILE A 1 45 ? 1.001   9.938   -0.334  1.00 0.00 ? 134 ILE A HB   1 
ATOM 696 H HG12 . ILE A 1 45 ? 2.123   7.743   1.420   1.00 0.00 ? 134 ILE A HG12 1 
ATOM 697 H HG13 . ILE A 1 45 ? 3.204   9.030   0.848   1.00 0.00 ? 134 ILE A HG13 1 
ATOM 698 H HG21 . ILE A 1 45 ? -0.500  8.087   -1.032  1.00 0.00 ? 134 ILE A HG21 1 
ATOM 699 H HG22 . ILE A 1 45 ? 0.403   6.963   0.011   1.00 0.00 ? 134 ILE A HG22 1 
ATOM 700 H HG23 . ILE A 1 45 ? -0.517  8.305   0.732   1.00 0.00 ? 134 ILE A HG23 1 
ATOM 701 H HD11 . ILE A 1 45 ? 1.666   10.737  1.783   1.00 0.00 ? 134 ILE A HD11 1 
ATOM 702 H HD12 . ILE A 1 45 ? 0.596   9.443   2.372   1.00 0.00 ? 134 ILE A HD12 1 
ATOM 703 H HD13 . ILE A 1 45 ? 2.236   9.614   3.040   1.00 0.00 ? 134 ILE A HD13 1 
ATOM 704 N N    . LYS A 1 46 ? 4.172   9.190   -2.673  1.00 0.00 ? 135 LYS A N    1 
ATOM 705 C CA   . LYS A 1 46 ? 5.282   10.059  -3.084  1.00 0.00 ? 135 LYS A CA   1 
ATOM 706 C C    . LYS A 1 46 ? 6.239   10.316  -1.913  1.00 0.00 ? 135 LYS A C    1 
ATOM 707 O O    . LYS A 1 46 ? 7.343   9.773   -1.889  1.00 0.00 ? 135 LYS A O    1 
ATOM 708 C CB   . LYS A 1 46 ? 4.750   11.385  -3.666  1.00 0.00 ? 135 LYS A CB   1 
ATOM 709 C CG   . LYS A 1 46 ? 4.458   11.231  -5.166  1.00 0.00 ? 135 LYS A CG   1 
ATOM 710 C CD   . LYS A 1 46 ? 3.352   10.192  -5.389  1.00 0.00 ? 135 LYS A CD   1 
ATOM 711 C CE   . LYS A 1 46 ? 2.769   10.346  -6.797  1.00 0.00 ? 135 LYS A CE   1 
ATOM 712 N NZ   . LYS A 1 46 ? 3.815   10.223  -7.827  1.00 0.00 ? 135 LYS A NZ   1 
ATOM 713 H H    . LYS A 1 46 ? 4.102   8.285   -3.118  1.00 0.00 ? 135 LYS A H    1 
ATOM 714 H HA   . LYS A 1 46 ? 5.841   9.544   -3.866  1.00 0.00 ? 135 LYS A HA   1 
ATOM 715 H HB2  . LYS A 1 46 ? 3.839   11.681  -3.151  1.00 0.00 ? 135 LYS A HB2  1 
ATOM 716 H HB3  . LYS A 1 46 ? 5.503   12.162  -3.533  1.00 0.00 ? 135 LYS A HB3  1 
ATOM 717 H HG2  . LYS A 1 46 ? 4.136   12.193  -5.566  1.00 0.00 ? 135 LYS A HG2  1 
ATOM 718 H HG3  . LYS A 1 46 ? 5.366   10.914  -5.680  1.00 0.00 ? 135 LYS A HG3  1 
ATOM 719 H HD2  . LYS A 1 46 ? 3.765   9.188   -5.277  1.00 0.00 ? 135 LYS A HD2  1 
ATOM 720 H HD3  . LYS A 1 46 ? 2.559   10.340  -4.654  1.00 0.00 ? 135 LYS A HD3  1 
ATOM 721 H HE2  . LYS A 1 46 ? 2.017   9.573   -6.958  1.00 0.00 ? 135 LYS A HE2  1 
ATOM 722 H HE3  . LYS A 1 46 ? 2.295   11.326  -6.885  1.00 0.00 ? 135 LYS A HE3  1 
ATOM 723 H HZ1  . LYS A 1 46 ? 4.306   9.343   -7.709  1.00 0.00 ? 135 LYS A HZ1  1 
ATOM 724 H HZ2  . LYS A 1 46 ? 3.394   10.249  -8.744  1.00 0.00 ? 135 LYS A HZ2  1 
ATOM 725 H HZ3  . LYS A 1 46 ? 4.470   10.985  -7.737  1.00 0.00 ? 135 LYS A HZ3  1 
ATOM 726 N N    . GLN A 1 47 ? 5.819   11.148  -0.955  1.00 0.00 ? 136 GLN A N    1 
ATOM 727 C CA   . GLN A 1 47 ? 6.640   11.496  0.196   1.00 0.00 ? 136 GLN A CA   1 
ATOM 728 C C    . GLN A 1 47 ? 6.822   10.287  1.121   1.00 0.00 ? 136 GLN A C    1 
ATOM 729 O O    . GLN A 1 47 ? 7.493   10.475  2.161   1.00 0.00 ? 136 GLN A O    1 
ATOM 730 C CB   . GLN A 1 47 ? 5.987   12.668  0.944   1.00 0.00 ? 136 GLN A CB   1 
ATOM 731 C CG   . GLN A 1 47 ? 4.619   12.247  1.515   1.00 0.00 ? 136 GLN A CG   1 
ATOM 732 C CD   . GLN A 1 47 ? 4.586   12.378  3.035   1.00 0.00 ? 136 GLN A CD   1 
ATOM 733 O OE1  . GLN A 1 47 ? 3.711   13.044  3.582   1.00 0.00 ? 136 GLN A OE1  1 
ATOM 734 N NE2  . GLN A 1 47 ? 5.538   11.742  3.719   1.00 0.00 ? 136 GLN A NE2  1 
ATOM 735 O OXT  . GLN A 1 47 ? 6.153   9.259   0.874   1.00 0.00 ? 136 GLN A OXT  1 
ATOM 736 H H    . GLN A 1 47 ? 4.898   11.558  -1.023  1.00 0.00 ? 136 GLN A H    1 
ATOM 737 H HA   . GLN A 1 47 ? 7.622   11.813  -0.159  1.00 0.00 ? 136 GLN A HA   1 
ATOM 738 H HB2  . GLN A 1 47 ? 6.641   12.986  1.756   1.00 0.00 ? 136 GLN A HB2  1 
ATOM 739 H HB3  . GLN A 1 47 ? 5.846   13.500  0.253   1.00 0.00 ? 136 GLN A HB3  1 
ATOM 740 H HG2  . GLN A 1 47 ? 3.845   12.885  1.086   1.00 0.00 ? 136 GLN A HG2  1 
ATOM 741 H HG3  . GLN A 1 47 ? 4.413   11.213  1.244   1.00 0.00 ? 136 GLN A HG3  1 
ATOM 742 H HE21 . GLN A 1 47 ? 6.255   11.219  3.222   1.00 0.00 ? 136 GLN A HE21 1 
ATOM 743 H HE22 . GLN A 1 47 ? 5.545   11.782  4.726   1.00 0.00 ? 136 GLN A HE22 1 
# 
